data_3KLA
#
_entry.id   3KLA
#
_cell.length_a   62.853
_cell.length_b   93.754
_cell.length_c   79.903
_cell.angle_alpha   90.00
_cell.angle_beta   90.02
_cell.angle_gamma   90.00
#
_symmetry.space_group_name_H-M   'P 1 21 1'
#
loop_
_entity.id
_entity.type
_entity.pdbx_description
1 polymer 'HLA class I histocompatibility antigen, A-2 alpha chain'
2 polymer Beta-2-microglobulin
3 polymer 'NYESO-1 peptide analogue'
4 water water
#
loop_
_entity_poly.entity_id
_entity_poly.type
_entity_poly.pdbx_seq_one_letter_code
_entity_poly.pdbx_strand_id
1 'polypeptide(L)'
;GSHSMRYFFTSVSRPGRGEPRFIAVGYVDDTQFVRFDSDAASQRMEPRAPWIEQEGPEYWDGETRKVKAHSQTHRVDLGT
LRGYYNQSEAGSHTVQRMYGCDVGSDWRFLRGYHQYAYDGKDYIALKEDLRSWTAADMAAQTTKHKWEAAHVAEQLRAYL
EGTCVEWLRRYLENGKETLQRTDAPKTHMTHHAVSDHEATLRCWALSFYPAEITLTWQRDGEDQTQDTELVETRPAGDGT
FQKWAAVVVPSGQEQRYTCHVQHEGLPKPLTLRWE
;
A,D
2 'polypeptide(L)'
;MIQRTPKIQVYSRHPAENGKSNFLNCYVSGFHPSDIEVDLLKNGERIEKVEHSDLSFSKDWSFYLLYYTEFTPTEKDEYA
CRVNHVTLSQPKIVKWDRDM
;
B,E
3 'polypeptide(L)' SLLMWITQL C,F
#
# COMPACT_ATOMS: atom_id res chain seq x y z
N GLY A 1 6.43 8.60 -23.79
CA GLY A 1 5.67 8.35 -25.06
C GLY A 1 4.50 9.30 -25.20
N SER A 2 3.59 8.95 -26.09
CA SER A 2 2.36 9.69 -26.29
C SER A 2 1.38 9.41 -25.15
N HIS A 3 0.46 10.34 -24.93
CA HIS A 3 -0.55 10.17 -23.88
C HIS A 3 -1.93 10.59 -24.36
N SER A 4 -2.96 10.18 -23.64
CA SER A 4 -4.32 10.60 -23.97
C SER A 4 -5.15 10.92 -22.73
N MET A 5 -6.14 11.80 -22.92
CA MET A 5 -7.21 11.98 -21.92
C MET A 5 -8.53 11.72 -22.63
N ARG A 6 -9.41 10.95 -22.00
CA ARG A 6 -10.65 10.59 -22.64
C ARG A 6 -11.75 10.62 -21.58
N TYR A 7 -12.92 11.15 -21.94
CA TYR A 7 -14.11 11.00 -21.12
C TYR A 7 -15.13 10.14 -21.87
N PHE A 8 -15.82 9.28 -21.13
CA PHE A 8 -16.78 8.32 -21.66
C PHE A 8 -18.06 8.54 -20.90
N PHE A 9 -19.15 8.75 -21.64
CA PHE A 9 -20.48 8.96 -21.06
C PHE A 9 -21.50 7.97 -21.61
N THR A 10 -22.25 7.35 -20.73
CA THR A 10 -23.34 6.43 -21.10
C THR A 10 -24.63 6.88 -20.44
N SER A 11 -25.68 7.06 -21.24
CA SER A 11 -27.01 7.40 -20.73
C SER A 11 -27.97 6.34 -21.25
N VAL A 12 -28.74 5.78 -20.35
CA VAL A 12 -29.69 4.71 -20.67
C VAL A 12 -31.08 5.09 -20.17
N SER A 13 -32.02 5.24 -21.10
CA SER A 13 -33.41 5.51 -20.67
C SER A 13 -34.03 4.29 -19.99
N ARG A 14 -34.91 4.58 -19.03
CA ARG A 14 -35.54 3.56 -18.21
C ARG A 14 -37.01 3.95 -18.05
N PRO A 15 -37.77 3.91 -19.16
CA PRO A 15 -39.14 4.40 -19.14
C PRO A 15 -39.97 3.63 -18.13
N GLY A 16 -40.62 4.36 -17.24
CA GLY A 16 -41.46 3.78 -16.20
C GLY A 16 -40.65 3.27 -15.00
N ARG A 17 -39.33 3.43 -15.07
CA ARG A 17 -38.45 3.04 -13.97
C ARG A 17 -37.56 4.22 -13.55
N GLY A 18 -38.10 5.43 -13.71
CA GLY A 18 -37.38 6.63 -13.29
C GLY A 18 -36.57 7.33 -14.37
N GLU A 19 -35.73 8.25 -13.91
CA GLU A 19 -34.95 9.11 -14.78
C GLU A 19 -33.85 8.25 -15.44
N PRO A 20 -33.38 8.64 -16.65
CA PRO A 20 -32.33 7.81 -17.28
C PRO A 20 -31.06 7.65 -16.44
N ARG A 21 -30.44 6.47 -16.53
CA ARG A 21 -29.12 6.23 -15.93
C ARG A 21 -28.08 7.07 -16.67
N PHE A 22 -27.21 7.74 -15.92
CA PHE A 22 -26.07 8.45 -16.53
C PHE A 22 -24.78 8.09 -15.79
N ILE A 23 -23.79 7.60 -16.53
CA ILE A 23 -22.50 7.27 -15.94
C ILE A 23 -21.43 7.97 -16.76
N ALA A 24 -20.52 8.68 -16.08
CA ALA A 24 -19.41 9.34 -16.74
C ALA A 24 -18.13 8.84 -16.10
N VAL A 25 -17.11 8.57 -16.92
CA VAL A 25 -15.81 8.17 -16.40
C VAL A 25 -14.74 8.94 -17.17
N GLY A 26 -13.66 9.25 -16.49
CA GLY A 26 -12.54 9.91 -17.18
C GLY A 26 -11.28 9.07 -17.03
N TYR A 27 -10.48 8.98 -18.09
CA TYR A 27 -9.20 8.27 -18.08
C TYR A 27 -8.05 9.18 -18.51
N VAL A 28 -6.88 8.95 -17.93
CA VAL A 28 -5.60 9.39 -18.53
C VAL A 28 -4.90 8.10 -18.94
N ASP A 29 -4.59 7.98 -20.23
CA ASP A 29 -4.08 6.72 -20.79
C ASP A 29 -5.00 5.60 -20.34
N ASP A 30 -4.44 4.55 -19.75
CA ASP A 30 -5.25 3.42 -19.28
C ASP A 30 -5.59 3.46 -17.80
N THR A 31 -5.55 4.66 -17.21
CA THR A 31 -5.82 4.82 -15.78
C THR A 31 -7.07 5.68 -15.58
N GLN A 32 -8.10 5.12 -14.95
CA GLN A 32 -9.29 5.90 -14.63
C GLN A 32 -8.97 6.87 -13.50
N PHE A 33 -9.57 8.06 -13.56
CA PHE A 33 -9.30 9.05 -12.50
C PHE A 33 -10.53 9.73 -11.92
N VAL A 34 -11.64 9.72 -12.66
CA VAL A 34 -12.91 10.26 -12.08
C VAL A 34 -14.12 9.45 -12.51
N ARG A 35 -15.19 9.57 -11.74
CA ARG A 35 -16.50 8.99 -12.15
C ARG A 35 -17.65 9.86 -11.68
N PHE A 36 -18.79 9.72 -12.34
CA PHE A 36 -20.04 10.24 -11.86
C PHE A 36 -21.09 9.18 -12.16
N ASP A 37 -21.94 8.88 -11.20
CA ASP A 37 -23.03 7.94 -11.43
C ASP A 37 -24.33 8.56 -10.91
N SER A 38 -25.29 8.75 -11.81
CA SER A 38 -26.55 9.40 -11.46
C SER A 38 -27.27 8.65 -10.33
N ASP A 39 -26.98 7.36 -10.21
CA ASP A 39 -27.74 6.55 -9.24
C ASP A 39 -27.10 6.52 -7.85
N ALA A 40 -25.90 7.07 -7.73
CA ALA A 40 -25.18 7.10 -6.47
C ALA A 40 -25.67 8.25 -5.59
N ALA A 41 -25.44 8.12 -4.29
CA ALA A 41 -25.98 9.09 -3.35
C ALA A 41 -25.30 10.45 -3.42
N SER A 42 -24.00 10.48 -3.68
CA SER A 42 -23.22 11.74 -3.52
C SER A 42 -23.66 12.83 -4.48
N GLN A 43 -24.03 12.41 -5.69
CA GLN A 43 -24.38 13.35 -6.76
C GLN A 43 -23.24 14.33 -7.07
N ARG A 44 -22.02 13.83 -6.90
CA ARG A 44 -20.81 14.58 -7.21
C ARG A 44 -19.89 13.86 -8.16
N MET A 45 -19.07 14.61 -8.89
CA MET A 45 -17.94 13.98 -9.54
C MET A 45 -16.98 13.48 -8.43
N GLU A 46 -16.52 12.23 -8.54
CA GLU A 46 -15.73 11.60 -7.47
C GLU A 46 -14.38 11.14 -8.01
N PRO A 47 -13.32 11.24 -7.18
CA PRO A 47 -12.00 10.77 -7.57
C PRO A 47 -11.95 9.24 -7.64
N ARG A 48 -11.20 8.73 -8.59
CA ARG A 48 -10.97 7.27 -8.71
C ARG A 48 -9.45 6.96 -8.85
N ALA A 49 -8.64 7.99 -8.64
CA ALA A 49 -7.18 7.86 -8.59
C ALA A 49 -6.67 8.69 -7.43
N PRO A 50 -5.66 8.20 -6.71
CA PRO A 50 -5.19 9.01 -5.58
C PRO A 50 -4.53 10.33 -5.98
N TRP A 51 -4.08 10.46 -7.22
CA TRP A 51 -3.37 11.68 -7.61
C TRP A 51 -4.28 12.85 -7.99
N ILE A 52 -5.58 12.60 -8.08
CA ILE A 52 -6.54 13.66 -8.33
C ILE A 52 -7.25 14.06 -7.03
N GLU A 53 -7.11 13.21 -6.00
CA GLU A 53 -7.82 13.44 -4.75
C GLU A 53 -7.52 14.79 -4.12
N GLN A 54 -6.29 15.26 -4.26
CA GLN A 54 -5.82 16.50 -3.62
C GLN A 54 -6.22 17.74 -4.42
N GLU A 55 -6.85 17.58 -5.58
CA GLU A 55 -7.33 18.75 -6.31
C GLU A 55 -8.30 19.42 -5.38
N GLY A 56 -8.40 20.72 -5.46
CA GLY A 56 -9.20 21.41 -4.43
C GLY A 56 -10.72 21.36 -4.60
N PRO A 57 -11.44 22.04 -3.70
CA PRO A 57 -12.88 22.19 -3.85
C PRO A 57 -13.30 22.91 -5.12
N GLU A 58 -12.53 23.89 -5.59
CA GLU A 58 -12.85 24.51 -6.89
C GLU A 58 -13.00 23.47 -8.00
N TYR A 59 -12.00 22.59 -8.05
CA TYR A 59 -11.97 21.50 -9.04
C TYR A 59 -13.23 20.65 -8.93
N TRP A 60 -13.50 20.10 -7.75
CA TRP A 60 -14.62 19.14 -7.60
C TRP A 60 -15.97 19.81 -7.81
N ASP A 61 -16.13 21.04 -7.31
CA ASP A 61 -17.37 21.78 -7.50
C ASP A 61 -17.63 22.01 -8.98
N GLY A 62 -16.57 22.40 -9.70
CA GLY A 62 -16.67 22.71 -11.13
C GLY A 62 -16.96 21.45 -11.93
N GLU A 63 -16.26 20.37 -11.63
CA GLU A 63 -16.47 19.10 -12.38
C GLU A 63 -17.85 18.53 -12.08
N THR A 64 -18.33 18.77 -10.85
CA THR A 64 -19.67 18.34 -10.51
C THR A 64 -20.71 19.13 -11.31
N ARG A 65 -20.58 20.44 -11.30
CA ARG A 65 -21.43 21.34 -12.09
C ARG A 65 -21.49 20.90 -13.57
N LYS A 66 -20.32 20.73 -14.17
CA LYS A 66 -20.27 20.38 -15.58
C LYS A 66 -20.84 18.99 -15.86
N VAL A 67 -20.59 18.03 -14.97
CA VAL A 67 -20.99 16.66 -15.30
C VAL A 67 -22.52 16.54 -15.18
N LYS A 68 -23.08 17.29 -14.23
CA LYS A 68 -24.54 17.40 -14.15
C LYS A 68 -25.12 18.02 -15.42
N ALA A 69 -24.44 19.03 -15.98
CA ALA A 69 -24.95 19.67 -17.19
C ALA A 69 -24.85 18.71 -18.37
N HIS A 70 -23.77 17.91 -18.43
CA HIS A 70 -23.68 16.80 -19.39
C HIS A 70 -24.87 15.83 -19.24
N SER A 71 -25.16 15.48 -18.00
CA SER A 71 -26.25 14.57 -17.73
C SER A 71 -27.56 15.09 -18.30
N GLN A 72 -27.81 16.39 -18.09
CA GLN A 72 -29.06 16.99 -18.51
C GLN A 72 -29.19 17.06 -20.03
N THR A 73 -28.08 17.37 -20.70
CA THR A 73 -28.05 17.36 -22.16
C THR A 73 -28.41 15.97 -22.69
N HIS A 74 -27.81 14.93 -22.11
CA HIS A 74 -28.05 13.57 -22.56
C HIS A 74 -29.51 13.15 -22.33
N ARG A 75 -30.10 13.63 -21.24
CA ARG A 75 -31.49 13.31 -20.92
C ARG A 75 -32.41 13.86 -22.02
N VAL A 76 -32.18 15.11 -22.41
CA VAL A 76 -32.88 15.73 -23.52
C VAL A 76 -32.62 14.95 -24.82
N ASP A 77 -31.35 14.62 -25.07
CA ASP A 77 -30.99 13.87 -26.30
C ASP A 77 -31.74 12.55 -26.46
N LEU A 78 -31.95 11.82 -25.38
CA LEU A 78 -32.69 10.54 -25.48
C LEU A 78 -34.09 10.76 -26.05
N GLY A 79 -34.77 11.80 -25.57
CA GLY A 79 -36.07 12.19 -26.12
C GLY A 79 -35.98 12.55 -27.59
N THR A 80 -35.00 13.38 -27.92
CA THR A 80 -34.81 13.86 -29.30
C THR A 80 -34.62 12.70 -30.27
N LEU A 81 -33.72 11.80 -29.93
CA LEU A 81 -33.42 10.62 -30.74
C LEU A 81 -34.59 9.67 -30.90
N ARG A 82 -35.34 9.46 -29.81
CA ARG A 82 -36.55 8.65 -29.86
C ARG A 82 -37.51 9.19 -30.92
N GLY A 83 -37.65 10.52 -30.95
CA GLY A 83 -38.47 11.19 -31.96
C GLY A 83 -37.92 11.04 -33.38
N TYR A 84 -36.60 11.19 -33.54
CA TYR A 84 -35.96 11.08 -34.85
C TYR A 84 -36.14 9.72 -35.49
N TYR A 85 -36.10 8.66 -34.68
CA TYR A 85 -36.23 7.28 -35.20
C TYR A 85 -37.63 6.72 -35.06
N ASN A 86 -38.57 7.60 -34.72
CA ASN A 86 -39.97 7.25 -34.52
C ASN A 86 -40.18 6.01 -33.66
N GLN A 87 -39.50 6.02 -32.51
CA GLN A 87 -39.50 4.90 -31.59
C GLN A 87 -40.51 5.16 -30.48
N SER A 88 -41.07 4.07 -29.95
CA SER A 88 -42.05 4.18 -28.88
C SER A 88 -41.39 4.61 -27.57
N GLU A 89 -42.20 5.14 -26.66
CA GLU A 89 -41.74 5.59 -25.36
C GLU A 89 -41.55 4.46 -24.35
N ALA A 90 -41.87 3.23 -24.74
CA ALA A 90 -41.79 2.07 -23.85
C ALA A 90 -40.38 1.47 -23.66
N GLY A 91 -39.59 1.48 -24.73
CA GLY A 91 -38.29 0.82 -24.73
C GLY A 91 -37.13 1.60 -24.11
N SER A 92 -36.12 0.85 -23.66
CA SER A 92 -34.86 1.41 -23.20
C SER A 92 -33.93 1.62 -24.38
N HIS A 93 -33.28 2.78 -24.39
CA HIS A 93 -32.30 3.09 -25.42
C HIS A 93 -31.07 3.68 -24.82
N THR A 94 -29.98 3.66 -25.58
CA THR A 94 -28.67 4.04 -25.03
C THR A 94 -28.03 5.13 -25.88
N VAL A 95 -27.53 6.19 -25.25
CA VAL A 95 -26.61 7.11 -25.94
C VAL A 95 -25.23 7.01 -25.30
N GLN A 96 -24.18 7.11 -26.12
CA GLN A 96 -22.82 7.03 -25.63
C GLN A 96 -22.06 8.16 -26.29
N ARG A 97 -21.21 8.82 -25.51
CA ARG A 97 -20.37 9.89 -26.02
C ARG A 97 -18.94 9.69 -25.52
N MET A 98 -17.96 10.01 -26.37
CA MET A 98 -16.59 9.98 -25.94
C MET A 98 -15.95 11.21 -26.54
N TYR A 99 -15.12 11.89 -25.75
CA TYR A 99 -14.30 12.94 -26.30
C TYR A 99 -12.99 13.04 -25.55
N GLY A 100 -11.99 13.66 -26.19
CA GLY A 100 -10.74 13.84 -25.50
C GLY A 100 -9.63 14.10 -26.48
N CYS A 101 -8.39 14.03 -26.00
CA CYS A 101 -7.26 14.44 -26.83
C CYS A 101 -6.05 13.53 -26.64
N ASP A 102 -5.18 13.49 -27.66
CA ASP A 102 -3.90 12.79 -27.62
C ASP A 102 -2.81 13.84 -27.71
N VAL A 103 -1.74 13.64 -26.95
CA VAL A 103 -0.52 14.43 -27.09
C VAL A 103 0.65 13.53 -27.45
N GLY A 104 1.68 14.12 -28.05
CA GLY A 104 2.89 13.37 -28.32
C GLY A 104 3.83 13.28 -27.12
N SER A 105 5.03 12.76 -27.37
CA SER A 105 6.04 12.56 -26.32
C SER A 105 6.49 13.88 -25.70
N ASP A 106 6.33 14.96 -26.46
CA ASP A 106 6.65 16.31 -25.98
C ASP A 106 5.44 16.96 -25.32
N TRP A 107 4.37 16.17 -25.16
CA TRP A 107 3.12 16.60 -24.52
C TRP A 107 2.41 17.71 -25.32
N ARG A 108 2.74 17.82 -26.60
CA ARG A 108 2.05 18.72 -27.49
C ARG A 108 0.93 18.00 -28.24
N PHE A 109 -0.11 18.76 -28.56
CA PHE A 109 -1.32 18.23 -29.21
C PHE A 109 -1.01 17.38 -30.44
N LEU A 110 -1.72 16.27 -30.54
CA LEU A 110 -1.59 15.33 -31.65
C LEU A 110 -2.92 15.24 -32.37
N ARG A 111 -3.99 14.97 -31.61
CA ARG A 111 -5.33 14.74 -32.18
C ARG A 111 -6.45 14.99 -31.15
N GLY A 112 -7.63 15.39 -31.63
CA GLY A 112 -8.81 15.50 -30.75
C GLY A 112 -9.92 14.61 -31.28
N TYR A 113 -10.86 14.24 -30.41
CA TYR A 113 -12.02 13.42 -30.81
C TYR A 113 -13.25 13.88 -30.09
N HIS A 114 -14.38 13.73 -30.75
CA HIS A 114 -15.66 13.83 -30.10
C HIS A 114 -16.65 12.99 -30.90
N GLN A 115 -17.06 11.86 -30.31
CA GLN A 115 -17.87 10.88 -31.03
C GLN A 115 -19.18 10.60 -30.25
N TYR A 116 -20.25 10.30 -30.96
CA TYR A 116 -21.55 10.03 -30.37
C TYR A 116 -22.18 8.79 -31.01
N ALA A 117 -22.77 7.90 -30.20
CA ALA A 117 -23.48 6.70 -30.68
C ALA A 117 -24.86 6.62 -30.07
N TYR A 118 -25.77 6.05 -30.85
CA TYR A 118 -27.12 5.76 -30.37
C TYR A 118 -27.40 4.27 -30.56
N ASP A 119 -27.83 3.61 -29.48
CA ASP A 119 -28.07 2.15 -29.50
C ASP A 119 -26.89 1.38 -30.12
N GLY A 120 -25.68 1.79 -29.74
CA GLY A 120 -24.49 1.01 -30.07
C GLY A 120 -23.94 1.18 -31.46
N LYS A 121 -24.48 2.14 -32.21
CA LYS A 121 -24.02 2.44 -33.57
C LYS A 121 -23.65 3.92 -33.69
N ASP A 122 -22.67 4.21 -34.56
CA ASP A 122 -22.26 5.61 -34.77
C ASP A 122 -23.49 6.46 -35.07
N TYR A 123 -23.51 7.68 -34.52
CA TYR A 123 -24.54 8.63 -34.85
C TYR A 123 -23.90 9.84 -35.54
N ILE A 124 -23.02 10.54 -34.82
CA ILE A 124 -22.28 11.63 -35.45
C ILE A 124 -20.93 11.75 -34.77
N ALA A 125 -19.93 12.24 -35.50
CA ALA A 125 -18.59 12.39 -34.92
C ALA A 125 -17.89 13.56 -35.54
N LEU A 126 -17.06 14.21 -34.76
CA LEU A 126 -16.21 15.27 -35.24
C LEU A 126 -15.10 14.63 -36.07
N LYS A 127 -14.87 15.14 -37.29
CA LYS A 127 -13.80 14.66 -38.15
C LYS A 127 -12.46 15.08 -37.58
N GLU A 128 -11.39 14.50 -38.10
CA GLU A 128 -10.06 14.75 -37.54
C GLU A 128 -9.65 16.23 -37.58
N ASP A 129 -10.09 16.96 -38.61
CA ASP A 129 -9.77 18.39 -38.75
C ASP A 129 -10.44 19.29 -37.69
N LEU A 130 -11.35 18.69 -36.91
CA LEU A 130 -12.07 19.36 -35.82
C LEU A 130 -12.92 20.55 -36.31
N ARG A 131 -13.32 20.48 -37.58
CA ARG A 131 -14.03 21.57 -38.25
C ARG A 131 -15.29 21.09 -38.95
N SER A 132 -15.49 19.77 -39.00
CA SER A 132 -16.55 19.18 -39.81
C SER A 132 -17.02 17.90 -39.15
N TRP A 133 -18.11 17.32 -39.65
CA TRP A 133 -18.80 16.20 -39.00
C TRP A 133 -19.05 15.03 -39.94
N THR A 134 -19.04 13.84 -39.35
CA THR A 134 -19.42 12.63 -40.03
C THR A 134 -20.75 12.17 -39.46
N ALA A 135 -21.78 12.25 -40.30
CA ALA A 135 -23.11 11.83 -39.93
C ALA A 135 -23.25 10.43 -40.47
N ALA A 136 -23.55 9.50 -39.59
CA ALA A 136 -23.55 8.10 -39.92
C ALA A 136 -24.78 7.65 -40.69
N ASP A 137 -25.87 8.42 -40.62
CA ASP A 137 -27.13 8.10 -41.32
C ASP A 137 -27.96 9.34 -41.62
N MET A 138 -29.15 9.16 -42.22
CA MET A 138 -29.98 10.30 -42.61
C MET A 138 -30.39 11.17 -41.39
N ALA A 139 -30.86 10.54 -40.30
CA ALA A 139 -31.19 11.31 -39.08
C ALA A 139 -30.04 12.21 -38.66
N ALA A 140 -28.83 11.65 -38.59
CA ALA A 140 -27.65 12.44 -38.16
C ALA A 140 -27.21 13.56 -39.11
N GLN A 141 -27.61 13.50 -40.39
CA GLN A 141 -27.27 14.60 -41.30
C GLN A 141 -27.96 15.91 -40.82
N THR A 142 -29.09 15.74 -40.12
CA THR A 142 -29.84 16.88 -39.56
C THR A 142 -29.15 17.52 -38.36
N THR A 143 -28.58 16.69 -37.50
CA THR A 143 -27.77 17.19 -36.41
C THR A 143 -26.54 17.85 -37.01
N LYS A 144 -25.95 17.22 -38.03
CA LYS A 144 -24.79 17.78 -38.73
C LYS A 144 -25.08 19.21 -39.16
N HIS A 145 -26.20 19.42 -39.87
CA HIS A 145 -26.56 20.78 -40.31
C HIS A 145 -26.76 21.79 -39.20
N LYS A 146 -27.46 21.35 -38.15
CA LYS A 146 -27.78 22.18 -37.00
C LYS A 146 -26.50 22.63 -36.29
N TRP A 147 -25.62 21.66 -36.04
CA TRP A 147 -24.32 21.92 -35.39
C TRP A 147 -23.35 22.72 -36.26
N GLU A 148 -23.44 22.54 -37.58
CA GLU A 148 -22.72 23.41 -38.52
C GLU A 148 -23.20 24.85 -38.36
N ALA A 149 -24.53 25.03 -38.35
CA ALA A 149 -25.13 26.37 -38.28
C ALA A 149 -24.89 27.06 -36.93
N ALA A 150 -24.66 26.26 -35.89
CA ALA A 150 -24.43 26.79 -34.57
C ALA A 150 -22.93 26.85 -34.24
N HIS A 151 -22.10 26.54 -35.22
CA HIS A 151 -20.63 26.53 -35.04
C HIS A 151 -20.17 25.74 -33.81
N VAL A 152 -20.76 24.55 -33.61
CA VAL A 152 -20.42 23.69 -32.47
C VAL A 152 -18.98 23.18 -32.54
N ALA A 153 -18.53 22.83 -33.75
CA ALA A 153 -17.17 22.33 -33.98
C ALA A 153 -16.13 23.31 -33.43
N GLU A 154 -16.39 24.61 -33.59
CA GLU A 154 -15.44 25.63 -33.15
C GLU A 154 -15.28 25.65 -31.62
N GLN A 155 -16.39 25.50 -30.91
CA GLN A 155 -16.41 25.33 -29.45
C GLN A 155 -15.53 24.16 -29.03
N LEU A 156 -15.77 23.02 -29.66
CA LEU A 156 -15.07 21.77 -29.37
C LEU A 156 -13.58 21.86 -29.75
N ARG A 157 -13.29 22.45 -30.91
CA ARG A 157 -11.91 22.60 -31.37
C ARG A 157 -11.07 23.33 -30.31
N ALA A 158 -11.58 24.47 -29.84
CA ALA A 158 -10.91 25.25 -28.81
C ALA A 158 -10.56 24.43 -27.57
N TYR A 159 -11.51 23.63 -27.09
CA TYR A 159 -11.30 22.77 -25.91
C TYR A 159 -10.26 21.68 -26.23
N LEU A 160 -10.47 20.99 -27.34
CA LEU A 160 -9.63 19.82 -27.67
C LEU A 160 -8.16 20.18 -27.87
N GLU A 161 -7.90 21.32 -28.53
CA GLU A 161 -6.53 21.81 -28.78
C GLU A 161 -5.91 22.60 -27.65
N GLY A 162 -6.73 23.07 -26.70
CA GLY A 162 -6.25 23.98 -25.67
C GLY A 162 -6.46 23.36 -24.32
N THR A 163 -7.62 23.63 -23.76
CA THR A 163 -8.03 23.13 -22.45
C THR A 163 -7.67 21.67 -22.19
N CYS A 164 -8.09 20.79 -23.09
CA CYS A 164 -7.88 19.35 -22.94
C CYS A 164 -6.40 19.00 -22.75
N VAL A 165 -5.53 19.59 -23.58
CA VAL A 165 -4.12 19.26 -23.54
C VAL A 165 -3.46 19.85 -22.29
N GLU A 166 -3.94 21.03 -21.88
CA GLU A 166 -3.44 21.69 -20.68
C GLU A 166 -3.76 20.87 -19.44
N TRP A 167 -5.00 20.41 -19.34
CA TRP A 167 -5.39 19.52 -18.24
C TRP A 167 -4.65 18.19 -18.29
N LEU A 168 -4.52 17.58 -19.47
CA LEU A 168 -3.76 16.32 -19.57
C LEU A 168 -2.34 16.50 -19.04
N ARG A 169 -1.68 17.59 -19.43
CA ARG A 169 -0.34 17.89 -18.90
C ARG A 169 -0.36 17.98 -17.38
N ARG A 170 -1.34 18.69 -16.83
CA ARG A 170 -1.40 18.85 -15.37
C ARG A 170 -1.55 17.51 -14.65
N TYR A 171 -2.38 16.64 -15.20
CA TYR A 171 -2.62 15.32 -14.62
C TYR A 171 -1.37 14.46 -14.69
N LEU A 172 -0.65 14.56 -15.80
CA LEU A 172 0.57 13.79 -16.00
C LEU A 172 1.65 14.20 -15.00
N GLU A 173 1.72 15.50 -14.70
CA GLU A 173 2.73 16.00 -13.77
C GLU A 173 2.40 15.53 -12.33
N ASN A 174 1.13 15.65 -11.95
CA ASN A 174 0.69 15.34 -10.59
C ASN A 174 0.58 13.84 -10.30
N GLY A 175 0.16 13.08 -11.30
CA GLY A 175 0.19 11.61 -11.23
C GLY A 175 1.46 10.97 -11.79
N LYS A 176 2.54 11.75 -11.81
CA LYS A 176 3.81 11.34 -12.38
C LYS A 176 4.21 9.91 -12.01
N GLU A 177 4.19 9.60 -10.71
CA GLU A 177 4.58 8.28 -10.20
C GLU A 177 3.77 7.11 -10.80
N THR A 178 2.47 7.34 -11.02
CA THR A 178 1.57 6.32 -11.56
C THR A 178 1.55 6.36 -13.10
N LEU A 179 1.34 7.56 -13.63
CA LEU A 179 1.06 7.73 -15.06
C LEU A 179 2.27 7.67 -15.99
N GLN A 180 3.41 8.16 -15.53
CA GLN A 180 4.58 8.24 -16.40
C GLN A 180 5.46 7.01 -16.26
N ARG A 181 4.90 5.97 -15.64
CA ARG A 181 5.61 4.74 -15.39
C ARG A 181 5.34 3.79 -16.54
N THR A 182 6.28 2.90 -16.77
CA THR A 182 5.99 1.66 -17.49
C THR A 182 6.34 0.53 -16.54
N ASP A 183 5.44 -0.45 -16.48
CA ASP A 183 5.68 -1.70 -15.80
C ASP A 183 5.81 -2.69 -16.95
N ALA A 184 7.04 -3.17 -17.17
CA ALA A 184 7.25 -4.22 -18.14
C ALA A 184 6.55 -5.49 -17.67
N PRO A 185 6.06 -6.28 -18.61
CA PRO A 185 5.40 -7.54 -18.25
C PRO A 185 6.32 -8.54 -17.56
N LYS A 186 5.80 -9.18 -16.53
CA LYS A 186 6.44 -10.37 -15.99
C LYS A 186 5.90 -11.57 -16.77
N THR A 187 6.78 -12.41 -17.26
CA THR A 187 6.39 -13.46 -18.21
C THR A 187 6.70 -14.86 -17.66
N HIS A 188 5.90 -15.84 -18.06
CA HIS A 188 6.16 -17.27 -17.83
C HIS A 188 5.37 -18.12 -18.80
N MET A 189 5.72 -19.40 -18.86
CA MET A 189 5.02 -20.30 -19.74
C MET A 189 4.40 -21.42 -18.90
N THR A 190 3.23 -21.90 -19.31
CA THR A 190 2.70 -23.12 -18.72
C THR A 190 2.64 -24.21 -19.78
N HIS A 191 2.75 -25.46 -19.32
CA HIS A 191 2.76 -26.62 -20.20
C HIS A 191 1.71 -27.58 -19.65
N HIS A 192 0.72 -27.93 -20.44
CA HIS A 192 -0.27 -28.91 -19.98
C HIS A 192 -0.50 -29.97 -21.03
N ALA A 193 -0.25 -31.21 -20.64
CA ALA A 193 -0.48 -32.31 -21.53
C ALA A 193 -1.99 -32.43 -21.74
N VAL A 194 -2.44 -31.83 -22.93
CA VAL A 194 -3.81 -32.07 -23.41
C VAL A 194 -4.05 -33.57 -23.48
N SER A 195 -3.05 -34.29 -23.99
CA SER A 195 -3.08 -35.75 -24.11
C SER A 195 -1.64 -36.31 -24.10
N ASP A 196 -1.51 -37.57 -24.44
CA ASP A 196 -0.19 -38.22 -24.47
C ASP A 196 0.71 -37.74 -25.63
N HIS A 197 0.11 -37.00 -26.61
CA HIS A 197 0.86 -36.60 -27.81
C HIS A 197 0.69 -35.12 -28.16
N GLU A 198 0.02 -34.38 -27.28
CA GLU A 198 -0.03 -32.92 -27.39
C GLU A 198 0.06 -32.27 -26.04
N ALA A 199 0.60 -31.07 -26.05
CA ALA A 199 0.64 -30.26 -24.88
C ALA A 199 0.26 -28.86 -25.31
N THR A 200 -0.49 -28.18 -24.46
CA THR A 200 -0.71 -26.73 -24.64
C THR A 200 0.46 -26.01 -24.04
N LEU A 201 1.05 -25.07 -24.81
CA LEU A 201 2.00 -24.14 -24.25
C LEU A 201 1.30 -22.79 -24.19
N ARG A 202 1.29 -22.20 -23.00
CA ARG A 202 0.65 -20.93 -22.79
C ARG A 202 1.69 -19.92 -22.33
N CYS A 203 1.77 -18.80 -23.05
CA CYS A 203 2.71 -17.72 -22.76
C CYS A 203 1.92 -16.62 -22.03
N TRP A 204 2.39 -16.30 -20.82
CA TRP A 204 1.76 -15.30 -19.96
C TRP A 204 2.57 -14.00 -19.91
N ALA A 205 1.84 -12.88 -19.92
CA ALA A 205 2.39 -11.55 -19.56
C ALA A 205 1.50 -11.02 -18.43
N LEU A 206 2.12 -10.66 -17.31
CA LEU A 206 1.37 -10.17 -16.14
C LEU A 206 1.94 -8.87 -15.62
N SER A 207 1.07 -8.12 -14.92
CA SER A 207 1.50 -6.94 -14.15
C SER A 207 2.16 -5.84 -15.02
N PHE A 208 1.65 -5.65 -16.24
CA PHE A 208 2.18 -4.62 -17.12
C PHE A 208 1.31 -3.38 -17.26
N TYR A 209 1.95 -2.28 -17.63
CA TYR A 209 1.26 -1.03 -17.86
C TYR A 209 2.16 -0.23 -18.79
N PRO A 210 1.58 0.43 -19.82
CA PRO A 210 0.16 0.49 -20.20
C PRO A 210 -0.33 -0.82 -20.82
N ALA A 211 -1.58 -0.82 -21.25
CA ALA A 211 -2.24 -2.05 -21.65
C ALA A 211 -1.72 -2.60 -23.00
N GLU A 212 -1.24 -1.71 -23.88
CA GLU A 212 -0.84 -2.16 -25.21
C GLU A 212 0.32 -3.16 -25.14
N ILE A 213 0.19 -4.29 -25.85
CA ILE A 213 1.18 -5.35 -25.77
C ILE A 213 0.93 -6.24 -26.98
N THR A 214 1.98 -6.89 -27.45
CA THR A 214 1.82 -7.90 -28.50
C THR A 214 2.47 -9.19 -28.05
N LEU A 215 1.71 -10.28 -28.15
CA LEU A 215 2.22 -11.61 -27.82
C LEU A 215 2.00 -12.48 -29.04
N THR A 216 3.07 -13.10 -29.50
CA THR A 216 2.92 -13.99 -30.63
C THR A 216 3.74 -15.26 -30.46
N TRP A 217 3.30 -16.32 -31.12
CA TRP A 217 4.05 -17.55 -31.15
C TRP A 217 4.61 -17.75 -32.53
N GLN A 218 5.80 -18.35 -32.59
CA GLN A 218 6.39 -18.77 -33.85
C GLN A 218 6.77 -20.22 -33.74
N ARG A 219 6.77 -20.88 -34.91
CA ARG A 219 7.32 -22.22 -35.01
C ARG A 219 8.46 -22.15 -36.02
N ASP A 220 9.67 -22.51 -35.58
CA ASP A 220 10.89 -22.37 -36.42
C ASP A 220 10.95 -20.96 -37.03
N GLY A 221 10.48 -19.96 -36.29
CA GLY A 221 10.49 -18.58 -36.75
C GLY A 221 9.37 -18.17 -37.69
N GLU A 222 8.45 -19.09 -37.98
CA GLU A 222 7.28 -18.80 -38.84
C GLU A 222 6.11 -18.46 -37.93
N ASP A 223 5.39 -17.38 -38.22
CA ASP A 223 4.35 -16.97 -37.29
C ASP A 223 3.17 -17.91 -37.33
N GLN A 224 2.61 -18.20 -36.15
CA GLN A 224 1.53 -19.18 -35.99
C GLN A 224 0.17 -18.54 -35.70
N THR A 225 -0.12 -17.42 -36.37
CA THR A 225 -1.32 -16.61 -36.06
C THR A 225 -2.61 -17.43 -35.99
N GLN A 226 -2.83 -18.23 -37.03
CA GLN A 226 -4.06 -18.99 -37.14
C GLN A 226 -4.15 -20.14 -36.14
N ASP A 227 -3.02 -20.50 -35.55
CA ASP A 227 -2.99 -21.60 -34.60
C ASP A 227 -2.78 -21.13 -33.17
N THR A 228 -2.82 -19.82 -32.98
CA THR A 228 -2.63 -19.23 -31.65
C THR A 228 -4.00 -18.82 -31.10
N GLU A 229 -4.25 -19.22 -29.85
CA GLU A 229 -5.38 -18.78 -29.07
C GLU A 229 -4.89 -17.57 -28.28
N LEU A 230 -5.52 -16.43 -28.54
CA LEU A 230 -5.15 -15.19 -27.84
C LEU A 230 -6.38 -14.73 -27.05
N VAL A 231 -6.19 -14.25 -25.82
CA VAL A 231 -7.30 -13.64 -25.10
C VAL A 231 -7.16 -12.14 -25.09
N GLU A 232 -8.29 -11.47 -24.90
CA GLU A 232 -8.29 -10.03 -24.78
C GLU A 232 -7.46 -9.60 -23.58
N THR A 233 -6.69 -8.54 -23.74
CA THR A 233 -5.97 -7.98 -22.60
C THR A 233 -6.97 -7.56 -21.52
N ARG A 234 -6.67 -7.92 -20.28
CA ARG A 234 -7.64 -7.81 -19.19
C ARG A 234 -7.01 -7.11 -17.97
N PRO A 235 -7.82 -6.33 -17.24
CA PRO A 235 -7.31 -5.61 -16.06
C PRO A 235 -7.09 -6.55 -14.90
N ALA A 236 -5.97 -6.39 -14.21
CA ALA A 236 -5.75 -7.14 -12.96
C ALA A 236 -6.53 -6.62 -11.77
N GLY A 237 -6.96 -5.35 -11.84
CA GLY A 237 -7.64 -4.66 -10.73
C GLY A 237 -6.77 -3.71 -9.90
N ASP A 238 -5.46 -3.77 -10.07
CA ASP A 238 -4.52 -2.95 -9.29
C ASP A 238 -3.84 -1.92 -10.22
N GLY A 239 -4.44 -1.70 -11.39
CA GLY A 239 -3.95 -0.76 -12.38
C GLY A 239 -2.98 -1.33 -13.42
N THR A 240 -2.73 -2.63 -13.35
CA THR A 240 -1.93 -3.35 -14.36
C THR A 240 -2.84 -4.29 -15.16
N PHE A 241 -2.23 -4.87 -16.17
CA PHE A 241 -2.93 -5.68 -17.16
C PHE A 241 -2.31 -7.05 -17.30
N GLN A 242 -3.06 -7.97 -17.93
CA GLN A 242 -2.58 -9.34 -18.15
C GLN A 242 -3.02 -9.76 -19.53
N LYS A 243 -2.29 -10.72 -20.08
CA LYS A 243 -2.72 -11.32 -21.35
C LYS A 243 -1.99 -12.64 -21.50
N TRP A 244 -2.54 -13.54 -22.29
CA TRP A 244 -1.85 -14.81 -22.59
C TRP A 244 -2.13 -15.22 -24.01
N ALA A 245 -1.23 -16.04 -24.54
CA ALA A 245 -1.37 -16.62 -25.89
C ALA A 245 -0.95 -18.06 -25.75
N ALA A 246 -1.70 -18.96 -26.37
CA ALA A 246 -1.40 -20.40 -26.30
C ALA A 246 -1.33 -21.06 -27.67
N VAL A 247 -0.52 -22.10 -27.73
CA VAL A 247 -0.49 -22.99 -28.89
C VAL A 247 -0.51 -24.41 -28.39
N VAL A 248 -1.15 -25.28 -29.16
CA VAL A 248 -1.13 -26.71 -28.89
C VAL A 248 -0.05 -27.33 -29.75
N VAL A 249 0.96 -27.93 -29.10
CA VAL A 249 2.14 -28.43 -29.78
C VAL A 249 2.23 -29.95 -29.76
N PRO A 250 2.63 -30.56 -30.91
CA PRO A 250 2.78 -32.01 -30.92
C PRO A 250 3.98 -32.52 -30.13
N SER A 251 4.25 -33.81 -30.35
CA SER A 251 5.10 -34.65 -29.52
C SER A 251 6.56 -34.27 -29.60
N GLY A 252 7.06 -33.72 -28.49
CA GLY A 252 8.47 -33.39 -28.35
C GLY A 252 8.94 -32.27 -29.25
N GLN A 253 8.02 -31.47 -29.77
CA GLN A 253 8.36 -30.34 -30.66
C GLN A 253 8.39 -29.02 -29.90
N GLU A 254 8.36 -29.09 -28.57
CA GLU A 254 8.31 -27.90 -27.73
C GLU A 254 9.40 -26.87 -28.08
N GLN A 255 10.58 -27.38 -28.41
CA GLN A 255 11.72 -26.53 -28.73
C GLN A 255 11.58 -25.78 -30.07
N ARG A 256 10.64 -26.19 -30.92
CA ARG A 256 10.47 -25.48 -32.17
C ARG A 256 9.74 -24.15 -31.97
N TYR A 257 9.05 -24.00 -30.84
CA TYR A 257 8.14 -22.90 -30.64
C TYR A 257 8.73 -21.80 -29.77
N THR A 258 8.45 -20.55 -30.14
CA THR A 258 8.95 -19.40 -29.38
C THR A 258 7.81 -18.41 -29.22
N CYS A 259 7.72 -17.83 -28.04
CA CYS A 259 6.75 -16.79 -27.72
C CYS A 259 7.47 -15.45 -27.76
N HIS A 260 6.87 -14.46 -28.44
CA HIS A 260 7.52 -13.16 -28.63
C HIS A 260 6.68 -12.11 -27.93
N VAL A 261 7.32 -11.30 -27.10
CA VAL A 261 6.59 -10.34 -26.25
C VAL A 261 7.08 -8.93 -26.57
N GLN A 262 6.17 -8.05 -26.99
CA GLN A 262 6.56 -6.67 -27.33
C GLN A 262 5.80 -5.77 -26.40
N HIS A 263 6.51 -4.88 -25.71
CA HIS A 263 5.84 -3.97 -24.77
C HIS A 263 6.73 -2.73 -24.57
N GLU A 264 6.09 -1.57 -24.38
CA GLU A 264 6.84 -0.30 -24.22
C GLU A 264 7.83 -0.34 -23.04
N GLY A 265 7.56 -1.23 -22.08
CA GLY A 265 8.36 -1.34 -20.86
C GLY A 265 9.63 -2.18 -21.01
N LEU A 266 9.71 -2.94 -22.10
CA LEU A 266 10.82 -3.86 -22.32
C LEU A 266 11.90 -3.11 -23.07
N PRO A 267 13.16 -3.20 -22.60
CA PRO A 267 14.31 -2.66 -23.36
C PRO A 267 14.41 -3.31 -24.75
N LYS A 268 14.21 -4.63 -24.81
CA LYS A 268 14.17 -5.35 -26.07
C LYS A 268 13.01 -6.32 -26.03
N PRO A 269 12.40 -6.60 -27.21
CA PRO A 269 11.34 -7.59 -27.21
C PRO A 269 11.89 -8.93 -26.70
N LEU A 270 11.03 -9.71 -26.05
CA LEU A 270 11.46 -10.94 -25.45
C LEU A 270 11.15 -12.07 -26.41
N THR A 271 12.06 -13.03 -26.45
CA THR A 271 11.83 -14.28 -27.16
C THR A 271 11.94 -15.40 -26.14
N LEU A 272 10.82 -16.05 -25.84
CA LEU A 272 10.71 -17.10 -24.82
C LEU A 272 10.53 -18.49 -25.44
N ARG A 273 11.15 -19.50 -24.85
CA ARG A 273 11.12 -20.87 -25.38
C ARG A 273 11.08 -21.84 -24.22
N TRP A 274 10.18 -22.82 -24.30
CA TRP A 274 10.17 -23.92 -23.34
C TRP A 274 11.45 -24.73 -23.55
N GLU A 275 12.54 -24.32 -22.86
CA GLU A 275 13.88 -24.97 -22.90
C GLU A 275 15.00 -24.34 -23.81
N MET B 1 -32.71 -3.91 -32.69
CA MET B 1 -31.44 -3.15 -32.38
C MET B 1 -30.24 -4.04 -32.00
N ILE B 2 -29.05 -3.43 -32.04
CA ILE B 2 -27.78 -4.08 -31.77
C ILE B 2 -27.79 -4.86 -30.46
N GLN B 3 -27.35 -6.11 -30.52
CA GLN B 3 -27.10 -6.91 -29.32
C GLN B 3 -25.80 -7.66 -29.51
N ARG B 4 -24.86 -7.46 -28.59
CA ARG B 4 -23.58 -8.13 -28.63
C ARG B 4 -23.38 -8.91 -27.33
N THR B 5 -22.92 -10.14 -27.48
CA THR B 5 -22.81 -11.06 -26.36
C THR B 5 -21.53 -10.80 -25.58
N PRO B 6 -21.61 -10.83 -24.22
CA PRO B 6 -20.37 -10.62 -23.45
C PRO B 6 -19.32 -11.72 -23.64
N LYS B 7 -18.08 -11.29 -23.81
CA LYS B 7 -16.95 -12.18 -23.56
C LYS B 7 -16.72 -12.22 -22.05
N ILE B 8 -16.22 -13.34 -21.55
CA ILE B 8 -16.11 -13.54 -20.10
C ILE B 8 -14.75 -14.15 -19.80
N GLN B 9 -14.02 -13.52 -18.90
CA GLN B 9 -12.79 -14.17 -18.37
C GLN B 9 -12.85 -14.14 -16.87
N VAL B 10 -12.55 -15.27 -16.25
CA VAL B 10 -12.54 -15.36 -14.79
C VAL B 10 -11.11 -15.76 -14.39
N TYR B 11 -10.56 -15.04 -13.43
CA TYR B 11 -9.12 -15.10 -13.16
C TYR B 11 -8.78 -14.38 -11.85
N SER B 12 -7.60 -14.69 -11.31
CA SER B 12 -7.15 -14.00 -10.12
C SER B 12 -6.22 -12.85 -10.47
N ARG B 13 -6.19 -11.83 -9.60
CA ARG B 13 -5.28 -10.71 -9.77
C ARG B 13 -3.82 -11.14 -9.77
N HIS B 14 -3.45 -11.95 -8.77
CA HIS B 14 -2.08 -12.47 -8.64
C HIS B 14 -2.08 -13.97 -8.92
N PRO B 15 -0.93 -14.54 -9.31
CA PRO B 15 -0.95 -16.01 -9.44
C PRO B 15 -1.45 -16.63 -8.12
N ALA B 16 -2.36 -17.60 -8.24
CA ALA B 16 -3.03 -18.18 -7.06
C ALA B 16 -2.08 -19.04 -6.21
N GLU B 17 -1.98 -18.70 -4.93
CA GLU B 17 -1.20 -19.51 -4.02
C GLU B 17 -2.12 -19.85 -2.87
N ASN B 18 -2.31 -21.14 -2.60
CA ASN B 18 -3.20 -21.54 -1.52
C ASN B 18 -2.85 -20.86 -0.20
N GLY B 19 -3.89 -20.31 0.44
CA GLY B 19 -3.68 -19.64 1.73
C GLY B 19 -3.23 -18.19 1.64
N LYS B 20 -3.01 -17.68 0.42
CA LYS B 20 -2.53 -16.30 0.30
C LYS B 20 -3.60 -15.40 -0.30
N SER B 21 -3.84 -14.25 0.35
CA SER B 21 -4.93 -13.33 -0.06
C SER B 21 -4.77 -12.86 -1.50
N ASN B 22 -5.90 -12.65 -2.16
CA ASN B 22 -5.89 -12.36 -3.60
C ASN B 22 -7.20 -11.68 -3.94
N PHE B 23 -7.42 -11.44 -5.23
CA PHE B 23 -8.73 -10.97 -5.74
C PHE B 23 -9.16 -11.89 -6.86
N LEU B 24 -10.41 -12.32 -6.80
CA LEU B 24 -11.05 -13.09 -7.89
C LEU B 24 -11.76 -12.07 -8.76
N ASN B 25 -11.46 -12.12 -10.06
CA ASN B 25 -12.00 -11.21 -11.07
C ASN B 25 -12.84 -11.93 -12.11
N CYS B 26 -13.91 -11.27 -12.55
CA CYS B 26 -14.65 -11.67 -13.75
C CYS B 26 -14.78 -10.46 -14.64
N TYR B 27 -14.06 -10.52 -15.77
CA TYR B 27 -14.04 -9.42 -16.70
C TYR B 27 -15.02 -9.75 -17.81
N VAL B 28 -16.00 -8.88 -17.99
CA VAL B 28 -17.03 -9.04 -19.06
C VAL B 28 -16.84 -7.90 -20.02
N SER B 29 -16.84 -8.21 -21.30
CA SER B 29 -16.53 -7.19 -22.27
C SER B 29 -17.25 -7.44 -23.58
N GLY B 30 -17.27 -6.43 -24.45
CA GLY B 30 -17.79 -6.65 -25.80
C GLY B 30 -19.29 -6.78 -25.92
N PHE B 31 -19.99 -6.33 -24.87
CA PHE B 31 -21.44 -6.52 -24.81
C PHE B 31 -22.25 -5.25 -25.08
N HIS B 32 -23.46 -5.43 -25.56
CA HIS B 32 -24.39 -4.32 -25.76
C HIS B 32 -25.78 -4.98 -25.80
N PRO B 33 -26.78 -4.39 -25.14
CA PRO B 33 -26.80 -3.14 -24.33
C PRO B 33 -26.12 -3.36 -22.96
N SER B 34 -26.10 -2.32 -22.12
CA SER B 34 -25.26 -2.37 -20.91
C SER B 34 -25.83 -3.18 -19.76
N ASP B 35 -27.12 -3.50 -19.80
CA ASP B 35 -27.73 -4.29 -18.71
C ASP B 35 -27.16 -5.68 -18.66
N ILE B 36 -26.62 -6.06 -17.51
CA ILE B 36 -25.98 -7.36 -17.39
C ILE B 36 -25.95 -7.74 -15.93
N GLU B 37 -26.07 -9.02 -15.66
CA GLU B 37 -26.01 -9.47 -14.26
C GLU B 37 -24.79 -10.41 -14.18
N VAL B 38 -23.90 -10.13 -13.24
CA VAL B 38 -22.69 -10.93 -13.10
C VAL B 38 -22.53 -11.31 -11.64
N ASP B 39 -22.45 -12.62 -11.37
CA ASP B 39 -22.18 -13.09 -10.02
C ASP B 39 -20.87 -13.86 -9.99
N LEU B 40 -20.16 -13.76 -8.86
CA LEU B 40 -19.06 -14.68 -8.57
C LEU B 40 -19.60 -15.78 -7.62
N LEU B 41 -19.22 -17.02 -7.91
CA LEU B 41 -19.72 -18.19 -7.15
C LEU B 41 -18.57 -18.87 -6.44
N LYS B 42 -18.81 -19.28 -5.20
CA LYS B 42 -17.83 -20.07 -4.41
C LYS B 42 -18.55 -21.39 -4.15
N ASN B 43 -18.02 -22.49 -4.67
CA ASN B 43 -18.67 -23.78 -4.48
C ASN B 43 -20.16 -23.70 -4.84
N GLY B 44 -20.44 -23.00 -5.93
CA GLY B 44 -21.76 -22.97 -6.53
C GLY B 44 -22.68 -21.93 -5.94
N GLU B 45 -22.23 -21.27 -4.88
CA GLU B 45 -23.06 -20.27 -4.18
C GLU B 45 -22.66 -18.83 -4.45
N ARG B 46 -23.65 -17.95 -4.62
CA ARG B 46 -23.34 -16.56 -4.94
C ARG B 46 -22.61 -15.88 -3.77
N ILE B 47 -21.47 -15.28 -4.09
CA ILE B 47 -20.68 -14.50 -3.11
C ILE B 47 -21.34 -13.14 -2.90
N GLU B 48 -21.49 -12.76 -1.64
CA GLU B 48 -22.26 -11.56 -1.32
C GLU B 48 -21.54 -10.27 -1.56
N LYS B 49 -20.26 -10.23 -1.21
CA LYS B 49 -19.55 -8.97 -1.33
C LYS B 49 -18.85 -8.98 -2.66
N VAL B 50 -19.50 -8.44 -3.68
CA VAL B 50 -18.84 -8.29 -4.97
C VAL B 50 -19.00 -6.86 -5.51
N GLU B 51 -17.87 -6.28 -5.94
CA GLU B 51 -17.86 -4.91 -6.44
C GLU B 51 -17.62 -4.94 -7.92
N HIS B 52 -17.84 -3.80 -8.57
CA HIS B 52 -17.49 -3.71 -9.98
C HIS B 52 -16.99 -2.32 -10.33
N SER B 53 -16.24 -2.29 -11.43
CA SER B 53 -15.70 -1.06 -11.98
C SER B 53 -16.85 -0.21 -12.54
N ASP B 54 -16.54 1.07 -12.76
CA ASP B 54 -17.51 1.96 -13.39
C ASP B 54 -17.69 1.62 -14.87
N LEU B 55 -18.94 1.59 -15.34
CA LEU B 55 -19.24 1.25 -16.74
C LEU B 55 -18.49 2.18 -17.70
N SER B 56 -17.76 1.52 -18.60
CA SER B 56 -17.05 2.18 -19.68
C SER B 56 -17.21 1.37 -20.98
N PHE B 57 -16.61 1.85 -22.06
CA PHE B 57 -16.80 1.16 -23.34
C PHE B 57 -15.56 1.34 -24.22
N SER B 58 -15.48 0.46 -25.22
CA SER B 58 -14.38 0.38 -26.13
C SER B 58 -14.64 1.24 -27.37
N LYS B 59 -13.64 1.31 -28.26
CA LYS B 59 -13.72 2.08 -29.49
C LYS B 59 -14.96 1.73 -30.31
N ASP B 60 -15.38 0.48 -30.25
CA ASP B 60 -16.49 -0.01 -31.07
C ASP B 60 -17.83 0.14 -30.37
N TRP B 61 -17.80 0.85 -29.24
CA TRP B 61 -18.98 1.15 -28.40
C TRP B 61 -19.41 0.01 -27.48
N SER B 62 -18.79 -1.16 -27.59
CA SER B 62 -19.22 -2.24 -26.69
C SER B 62 -18.71 -2.00 -25.26
N PHE B 63 -19.53 -2.41 -24.29
CA PHE B 63 -19.23 -2.15 -22.87
C PHE B 63 -18.25 -3.14 -22.26
N TYR B 64 -17.60 -2.70 -21.20
CA TYR B 64 -16.82 -3.64 -20.39
C TYR B 64 -16.91 -3.28 -18.90
N LEU B 65 -16.85 -4.34 -18.10
CA LEU B 65 -16.92 -4.24 -16.62
C LEU B 65 -16.01 -5.25 -15.99
N LEU B 66 -15.38 -4.87 -14.88
CA LEU B 66 -14.63 -5.82 -14.05
C LEU B 66 -15.39 -6.01 -12.76
N TYR B 67 -15.79 -7.25 -12.46
CA TYR B 67 -16.38 -7.60 -11.17
C TYR B 67 -15.32 -8.27 -10.34
N TYR B 68 -15.25 -7.98 -9.05
CA TYR B 68 -14.14 -8.52 -8.28
C TYR B 68 -14.46 -8.64 -6.79
N THR B 69 -13.76 -9.56 -6.15
CA THR B 69 -13.90 -9.73 -4.71
C THR B 69 -12.61 -10.26 -4.15
N GLU B 70 -12.35 -9.94 -2.88
CA GLU B 70 -11.20 -10.50 -2.19
C GLU B 70 -11.46 -11.97 -1.96
N PHE B 71 -10.42 -12.80 -2.09
CA PHE B 71 -10.52 -14.20 -1.68
C PHE B 71 -9.16 -14.74 -1.31
N THR B 72 -9.19 -15.83 -0.56
CA THR B 72 -7.98 -16.62 -0.32
C THR B 72 -8.19 -18.00 -0.90
N PRO B 73 -7.53 -18.28 -2.05
CA PRO B 73 -7.74 -19.58 -2.68
C PRO B 73 -7.25 -20.73 -1.79
N THR B 74 -7.86 -21.89 -1.97
CA THR B 74 -7.46 -23.13 -1.33
C THR B 74 -7.38 -24.23 -2.39
N GLU B 75 -6.84 -25.38 -2.00
CA GLU B 75 -6.74 -26.50 -2.90
C GLU B 75 -8.13 -26.91 -3.45
N LYS B 76 -9.13 -26.96 -2.59
CA LYS B 76 -10.40 -27.57 -2.93
C LYS B 76 -11.58 -26.63 -3.24
N ASP B 77 -11.50 -25.36 -2.82
CA ASP B 77 -12.62 -24.46 -3.15
C ASP B 77 -12.72 -24.21 -4.65
N GLU B 78 -13.95 -24.28 -5.17
CA GLU B 78 -14.15 -24.02 -6.59
C GLU B 78 -14.79 -22.64 -6.80
N TYR B 79 -14.31 -21.92 -7.79
CA TYR B 79 -14.90 -20.63 -8.08
C TYR B 79 -15.36 -20.56 -9.54
N ALA B 80 -16.33 -19.67 -9.80
CA ALA B 80 -16.90 -19.47 -11.14
C ALA B 80 -17.49 -18.07 -11.25
N CYS B 81 -17.79 -17.64 -12.47
CA CYS B 81 -18.47 -16.39 -12.72
C CYS B 81 -19.73 -16.78 -13.51
N ARG B 82 -20.86 -16.18 -13.17
CA ARG B 82 -22.13 -16.50 -13.82
C ARG B 82 -22.66 -15.21 -14.39
N VAL B 83 -22.98 -15.22 -15.69
CA VAL B 83 -23.31 -13.98 -16.37
C VAL B 83 -24.65 -14.17 -17.08
N ASN B 84 -25.53 -13.18 -16.92
CA ASN B 84 -26.72 -13.14 -17.77
C ASN B 84 -26.86 -11.81 -18.49
N HIS B 85 -27.42 -11.92 -19.69
CA HIS B 85 -27.51 -10.81 -20.62
C HIS B 85 -28.59 -11.20 -21.61
N VAL B 86 -29.17 -10.19 -22.24
CA VAL B 86 -30.23 -10.41 -23.23
C VAL B 86 -29.85 -11.39 -24.36
N THR B 87 -28.55 -11.45 -24.68
CA THR B 87 -28.06 -12.32 -25.74
C THR B 87 -27.96 -13.79 -25.31
N LEU B 88 -28.07 -14.03 -24.01
CA LEU B 88 -28.01 -15.38 -23.41
C LEU B 88 -29.39 -15.95 -23.01
N SER B 89 -29.74 -17.09 -23.61
CA SER B 89 -30.94 -17.87 -23.31
C SER B 89 -30.95 -18.47 -21.91
N GLN B 90 -29.75 -18.77 -21.42
CA GLN B 90 -29.57 -19.15 -20.05
C GLN B 90 -28.25 -18.53 -19.63
N PRO B 91 -28.10 -18.30 -18.32
CA PRO B 91 -26.86 -17.74 -17.81
C PRO B 91 -25.69 -18.65 -18.15
N LYS B 92 -24.58 -18.03 -18.47
CA LYS B 92 -23.36 -18.70 -18.83
C LYS B 92 -22.51 -18.76 -17.58
N ILE B 93 -22.03 -19.95 -17.28
CA ILE B 93 -21.16 -20.13 -16.12
C ILE B 93 -19.78 -20.51 -16.62
N VAL B 94 -18.78 -19.74 -16.19
CA VAL B 94 -17.40 -20.01 -16.54
C VAL B 94 -16.61 -20.30 -15.25
N LYS B 95 -16.04 -21.51 -15.16
CA LYS B 95 -15.26 -21.92 -14.01
C LYS B 95 -13.88 -21.31 -13.98
N TRP B 96 -13.43 -20.93 -12.80
CA TRP B 96 -12.07 -20.45 -12.65
C TRP B 96 -11.08 -21.61 -12.76
N ASP B 97 -10.06 -21.45 -13.61
CA ASP B 97 -8.99 -22.45 -13.78
C ASP B 97 -7.70 -21.71 -13.43
N ARG B 98 -7.10 -22.04 -12.29
CA ARG B 98 -6.03 -21.18 -11.76
C ARG B 98 -4.79 -21.16 -12.68
N ASP B 99 -5.07 -20.94 -13.98
CA ASP B 99 -4.13 -21.16 -15.08
C ASP B 99 -4.57 -20.56 -16.44
N MET B 100 -5.65 -19.79 -16.42
CA MET B 100 -6.13 -19.08 -17.60
C MET B 100 -6.67 -17.68 -17.24
N SER C 1 -10.21 17.69 -17.16
CA SER C 1 -11.38 18.57 -16.86
C SER C 1 -12.37 18.58 -18.02
N LEU C 2 -13.66 18.51 -17.68
CA LEU C 2 -14.72 18.36 -18.68
C LEU C 2 -14.89 19.63 -19.50
N LEU C 3 -15.42 19.47 -20.70
CA LEU C 3 -15.93 20.57 -21.49
C LEU C 3 -16.92 21.39 -20.65
N MET C 4 -16.92 22.71 -20.82
CA MET C 4 -17.76 23.57 -19.98
C MET C 4 -19.24 23.30 -20.18
N TRP C 5 -19.59 22.93 -21.41
CA TRP C 5 -20.94 22.43 -21.70
C TRP C 5 -20.90 21.57 -22.95
N ILE C 6 -21.89 20.68 -23.07
CA ILE C 6 -22.14 20.01 -24.35
C ILE C 6 -23.48 20.45 -24.96
N THR C 7 -23.45 20.75 -26.26
CA THR C 7 -24.65 21.19 -27.00
C THR C 7 -25.61 20.03 -27.31
N GLN C 8 -26.92 20.26 -27.13
CA GLN C 8 -27.95 19.27 -27.43
C GLN C 8 -28.05 18.97 -28.92
N LEU C 9 -28.47 17.76 -29.25
CA LEU C 9 -28.94 17.46 -30.58
C LEU C 9 -30.08 18.42 -30.92
N GLY D 1 -1.80 -12.46 29.16
CA GLY D 1 -1.84 -13.04 27.77
C GLY D 1 -2.22 -11.99 26.74
N SER D 2 -1.96 -10.74 27.08
CA SER D 2 -2.35 -9.61 26.26
C SER D 2 -1.34 -9.39 25.15
N HIS D 3 -1.79 -8.78 24.06
CA HIS D 3 -0.91 -8.52 22.92
C HIS D 3 -1.16 -7.14 22.34
N SER D 4 -0.21 -6.65 21.55
CA SER D 4 -0.40 -5.40 20.85
C SER D 4 0.16 -5.40 19.43
N MET D 5 -0.40 -4.53 18.60
CA MET D 5 0.22 -4.21 17.29
C MET D 5 0.42 -2.71 17.27
N ARG D 6 1.61 -2.28 16.84
CA ARG D 6 1.92 -0.85 16.83
C ARG D 6 2.72 -0.51 15.59
N TYR D 7 2.40 0.64 14.99
CA TYR D 7 3.22 1.19 13.91
C TYR D 7 3.81 2.50 14.37
N PHE D 8 5.07 2.73 14.01
CA PHE D 8 5.84 3.89 14.44
C PHE D 8 6.35 4.53 13.17
N PHE D 9 6.10 5.82 13.00
CA PHE D 9 6.55 6.57 11.84
C PHE D 9 7.36 7.77 12.26
N THR D 10 8.51 7.96 11.62
CA THR D 10 9.37 9.14 11.85
C THR D 10 9.65 9.83 10.51
N SER D 11 9.40 11.14 10.49
CA SER D 11 9.63 12.00 9.35
C SER D 11 10.55 13.14 9.78
N VAL D 12 11.66 13.31 9.08
CA VAL D 12 12.64 14.34 9.42
C VAL D 12 12.94 15.20 8.18
N SER D 13 12.61 16.47 8.23
CA SER D 13 12.93 17.34 7.11
C SER D 13 14.43 17.56 7.01
N ARG D 14 14.87 17.74 5.77
CA ARG D 14 16.27 17.90 5.43
C ARG D 14 16.41 19.05 4.44
N PRO D 15 16.13 20.29 4.88
CA PRO D 15 16.09 21.40 3.93
C PRO D 15 17.44 21.60 3.28
N GLY D 16 17.46 21.60 1.96
CA GLY D 16 18.69 21.75 1.20
C GLY D 16 19.47 20.45 1.04
N ARG D 17 18.99 19.39 1.67
CA ARG D 17 19.49 18.04 1.43
C ARG D 17 18.37 17.17 0.83
N GLY D 18 17.46 17.80 0.11
CA GLY D 18 16.36 17.09 -0.55
C GLY D 18 15.18 16.67 0.32
N GLU D 19 14.62 15.52 -0.01
CA GLU D 19 13.32 15.08 0.46
C GLU D 19 13.38 14.65 1.95
N PRO D 20 12.31 14.87 2.74
CA PRO D 20 12.38 14.41 4.12
C PRO D 20 12.61 12.91 4.26
N ARG D 21 13.38 12.51 5.28
CA ARG D 21 13.55 11.10 5.61
C ARG D 21 12.24 10.61 6.17
N PHE D 22 11.82 9.42 5.74
CA PHE D 22 10.63 8.78 6.33
C PHE D 22 10.96 7.33 6.67
N ILE D 23 10.75 6.96 7.93
CA ILE D 23 10.98 5.58 8.34
C ILE D 23 9.73 5.09 9.05
N ALA D 24 9.26 3.91 8.66
CA ALA D 24 8.11 3.30 9.26
C ALA D 24 8.52 1.94 9.74
N VAL D 25 8.10 1.57 10.96
CA VAL D 25 8.34 0.21 11.47
C VAL D 25 7.06 -0.33 12.09
N GLY D 26 6.83 -1.63 11.95
CA GLY D 26 5.67 -2.23 12.64
C GLY D 26 6.13 -3.31 13.60
N TYR D 27 5.44 -3.44 14.73
CA TYR D 27 5.73 -4.44 15.76
C TYR D 27 4.46 -5.17 16.14
N VAL D 28 4.62 -6.45 16.47
CA VAL D 28 3.65 -7.20 17.27
C VAL D 28 4.33 -7.49 18.60
N ASP D 29 3.71 -7.03 19.70
CA ASP D 29 4.36 -7.05 21.01
C ASP D 29 5.77 -6.48 20.85
N ASP D 30 6.77 -7.21 21.31
CA ASP D 30 8.16 -6.71 21.23
C ASP D 30 8.95 -7.22 20.04
N THR D 31 8.24 -7.64 18.99
CA THR D 31 8.86 -8.23 17.81
C THR D 31 8.56 -7.36 16.58
N GLN D 32 9.61 -6.82 15.95
CA GLN D 32 9.43 -6.05 14.72
C GLN D 32 9.08 -7.00 13.60
N PHE D 33 8.20 -6.55 12.69
CA PHE D 33 7.84 -7.42 11.58
C PHE D 33 7.90 -6.80 10.17
N VAL D 34 7.85 -5.47 10.09
CA VAL D 34 7.99 -4.78 8.80
C VAL D 34 8.76 -3.48 8.96
N ARG D 35 9.33 -3.01 7.86
CA ARG D 35 9.94 -1.66 7.79
C ARG D 35 9.71 -1.04 6.42
N PHE D 36 9.76 0.29 6.39
CA PHE D 36 9.93 1.05 5.17
C PHE D 36 10.93 2.16 5.45
N ASP D 37 11.88 2.33 4.55
CA ASP D 37 12.82 3.45 4.65
C ASP D 37 12.87 4.21 3.32
N SER D 38 12.50 5.50 3.36
CA SER D 38 12.47 6.35 2.17
C SER D 38 13.83 6.37 1.46
N ASP D 39 14.90 6.18 2.23
CA ASP D 39 16.24 6.31 1.64
C ASP D 39 16.76 5.02 1.02
N ALA D 40 16.09 3.90 1.29
CA ALA D 40 16.50 2.60 0.76
C ALA D 40 16.11 2.48 -0.72
N ALA D 41 16.77 1.57 -1.40
CA ALA D 41 16.58 1.42 -2.84
C ALA D 41 15.25 0.78 -3.21
N SER D 42 14.78 -0.17 -2.39
CA SER D 42 13.63 -1.00 -2.80
C SER D 42 12.35 -0.21 -2.99
N GLN D 43 12.18 0.82 -2.16
CA GLN D 43 10.95 1.63 -2.11
C GLN D 43 9.69 0.77 -1.89
N ARG D 44 9.88 -0.31 -1.13
CA ARG D 44 8.77 -1.16 -0.72
C ARG D 44 8.70 -1.37 0.77
N MET D 45 7.52 -1.69 1.27
CA MET D 45 7.45 -2.26 2.61
C MET D 45 8.15 -3.63 2.59
N GLU D 46 8.98 -3.90 3.60
CA GLU D 46 9.87 -5.07 3.58
C GLU D 46 9.64 -5.87 4.85
N PRO D 47 9.71 -7.21 4.73
CA PRO D 47 9.58 -8.06 5.91
C PRO D 47 10.78 -7.93 6.86
N ARG D 48 10.54 -8.00 8.15
CA ARG D 48 11.63 -8.05 9.16
C ARG D 48 11.43 -9.20 10.17
N ALA D 49 10.47 -10.06 9.87
CA ALA D 49 10.20 -11.29 10.64
C ALA D 49 9.96 -12.42 9.66
N PRO D 50 10.44 -13.63 9.98
CA PRO D 50 10.23 -14.71 9.02
C PRO D 50 8.76 -15.11 8.83
N TRP D 51 7.93 -14.87 9.84
CA TRP D 51 6.54 -15.32 9.77
C TRP D 51 5.65 -14.42 8.89
N ILE D 52 6.16 -13.27 8.47
CA ILE D 52 5.41 -12.39 7.58
C ILE D 52 5.89 -12.54 6.12
N GLU D 53 7.05 -13.18 5.94
CA GLU D 53 7.72 -13.22 4.63
C GLU D 53 6.86 -13.83 3.54
N GLN D 54 6.03 -14.80 3.92
CA GLN D 54 5.26 -15.59 2.97
C GLN D 54 3.86 -15.04 2.77
N GLU D 55 3.53 -13.92 3.41
CA GLU D 55 2.34 -13.19 3.06
C GLU D 55 2.46 -12.96 1.56
N GLY D 56 1.36 -12.86 0.88
CA GLY D 56 1.49 -12.83 -0.59
C GLY D 56 1.87 -11.49 -1.21
N PRO D 57 1.95 -11.45 -2.54
CA PRO D 57 2.12 -10.20 -3.28
C PRO D 57 1.00 -9.17 -3.04
N GLU D 58 -0.23 -9.63 -2.84
CA GLU D 58 -1.32 -8.68 -2.50
C GLU D 58 -0.99 -7.89 -1.24
N TYR D 59 -0.54 -8.62 -0.22
CA TYR D 59 -0.12 -8.00 1.03
C TYR D 59 0.97 -6.95 0.81
N TRP D 60 2.09 -7.35 0.20
CA TRP D 60 3.25 -6.44 0.05
C TRP D 60 2.95 -5.23 -0.84
N ASP D 61 2.19 -5.45 -1.92
CA ASP D 61 1.78 -4.35 -2.80
C ASP D 61 0.94 -3.34 -2.03
N GLY D 62 -0.03 -3.85 -1.26
CA GLY D 62 -0.97 -2.99 -0.52
C GLY D 62 -0.24 -2.24 0.57
N GLU D 63 0.60 -2.94 1.32
CA GLU D 63 1.40 -2.26 2.40
C GLU D 63 2.35 -1.20 1.83
N THR D 64 2.92 -1.50 0.66
CA THR D 64 3.80 -0.55 -0.01
C THR D 64 3.02 0.70 -0.42
N ARG D 65 1.86 0.49 -1.04
CA ARG D 65 1.00 1.60 -1.44
C ARG D 65 0.60 2.46 -0.25
N LYS D 66 0.15 1.82 0.82
CA LYS D 66 -0.27 2.56 2.01
C LYS D 66 0.87 3.29 2.68
N VAL D 67 2.05 2.66 2.73
CA VAL D 67 3.15 3.28 3.48
C VAL D 67 3.69 4.50 2.72
N LYS D 68 3.70 4.43 1.39
CA LYS D 68 4.05 5.58 0.57
C LYS D 68 3.04 6.70 0.77
N ALA D 69 1.78 6.37 0.93
CA ALA D 69 0.75 7.38 1.18
C ALA D 69 0.91 8.02 2.56
N HIS D 70 1.31 7.22 3.57
CA HIS D 70 1.65 7.76 4.89
C HIS D 70 2.82 8.74 4.72
N SER D 71 3.81 8.35 3.93
CA SER D 71 4.98 9.14 3.72
C SER D 71 4.60 10.50 3.09
N GLN D 72 3.71 10.48 2.11
CA GLN D 72 3.27 11.71 1.46
C GLN D 72 2.55 12.63 2.44
N THR D 73 1.65 12.06 3.25
CA THR D 73 0.98 12.84 4.28
C THR D 73 1.95 13.56 5.22
N HIS D 74 2.95 12.84 5.70
CA HIS D 74 3.94 13.38 6.60
C HIS D 74 4.76 14.48 5.94
N ARG D 75 5.04 14.32 4.65
CA ARG D 75 5.75 15.32 3.87
C ARG D 75 4.99 16.65 3.90
N VAL D 76 3.68 16.58 3.62
CA VAL D 76 2.81 17.76 3.68
C VAL D 76 2.80 18.32 5.11
N ASP D 77 2.66 17.44 6.10
CA ASP D 77 2.58 17.88 7.51
C ASP D 77 3.78 18.68 8.01
N LEU D 78 4.98 18.30 7.58
CA LEU D 78 6.18 19.05 7.94
C LEU D 78 6.09 20.51 7.52
N GLY D 79 5.61 20.74 6.29
CA GLY D 79 5.35 22.10 5.82
C GLY D 79 4.30 22.83 6.65
N THR D 80 3.20 22.13 6.89
CA THR D 80 2.08 22.68 7.65
C THR D 80 2.52 23.13 9.04
N LEU D 81 3.22 22.26 9.76
CA LEU D 81 3.73 22.55 11.09
C LEU D 81 4.72 23.71 11.16
N ARG D 82 5.63 23.75 10.19
CA ARG D 82 6.59 24.84 10.08
C ARG D 82 5.85 26.18 10.04
N GLY D 83 4.77 26.22 9.26
CA GLY D 83 3.88 27.37 9.19
C GLY D 83 3.17 27.71 10.48
N TYR D 84 2.55 26.71 11.12
CA TYR D 84 1.85 26.90 12.40
C TYR D 84 2.74 27.52 13.49
N TYR D 85 4.03 27.15 13.49
CA TYR D 85 4.97 27.59 14.53
C TYR D 85 5.88 28.74 14.13
N ASN D 86 5.58 29.34 12.97
CA ASN D 86 6.35 30.47 12.46
C ASN D 86 7.84 30.16 12.36
N GLN D 87 8.14 28.96 11.87
CA GLN D 87 9.52 28.48 11.80
C GLN D 87 10.14 28.70 10.44
N SER D 88 11.45 28.91 10.40
CA SER D 88 12.12 29.14 9.13
C SER D 88 12.26 27.87 8.30
N GLU D 89 12.48 28.05 7.00
CA GLU D 89 12.64 26.94 6.05
C GLU D 89 13.98 26.20 6.21
N ALA D 90 14.92 26.81 6.93
CA ALA D 90 16.29 26.29 7.02
C ALA D 90 16.51 25.10 7.94
N GLY D 91 15.75 25.01 9.03
CA GLY D 91 15.99 23.99 10.06
C GLY D 91 15.38 22.63 9.78
N SER D 92 15.99 21.58 10.33
CA SER D 92 15.43 20.23 10.35
C SER D 92 14.44 20.11 11.50
N HIS D 93 13.29 19.52 11.18
CA HIS D 93 12.27 19.23 12.18
C HIS D 93 11.77 17.82 12.07
N THR D 94 11.15 17.35 13.13
CA THR D 94 10.78 15.93 13.20
C THR D 94 9.30 15.79 13.50
N VAL D 95 8.62 14.94 12.74
CA VAL D 95 7.28 14.50 13.13
C VAL D 95 7.32 13.01 13.45
N GLN D 96 6.60 12.59 14.48
CA GLN D 96 6.51 11.19 14.85
C GLN D 96 5.07 10.84 15.03
N ARG D 97 4.67 9.66 14.57
CA ARG D 97 3.32 9.17 14.73
C ARG D 97 3.37 7.72 15.24
N MET D 98 2.46 7.36 16.12
CA MET D 98 2.34 5.98 16.57
C MET D 98 0.86 5.65 16.60
N TYR D 99 0.51 4.49 16.06
CA TYR D 99 -0.84 4.03 16.24
C TYR D 99 -0.91 2.52 16.35
N GLY D 100 -2.00 2.04 16.93
CA GLY D 100 -2.22 0.58 16.99
C GLY D 100 -3.21 0.16 18.06
N CYS D 101 -3.18 -1.12 18.42
CA CYS D 101 -4.24 -1.67 19.25
C CYS D 101 -3.71 -2.70 20.23
N ASP D 102 -4.39 -2.86 21.37
CA ASP D 102 -4.08 -3.88 22.35
C ASP D 102 -5.27 -4.82 22.37
N VAL D 103 -5.01 -6.11 22.52
CA VAL D 103 -6.06 -7.09 22.76
C VAL D 103 -5.75 -7.86 24.04
N GLY D 104 -6.78 -8.48 24.62
CA GLY D 104 -6.59 -9.28 25.82
C GLY D 104 -6.18 -10.70 25.51
N SER D 105 -6.20 -11.56 26.52
CA SER D 105 -5.79 -12.95 26.35
C SER D 105 -6.79 -13.75 25.53
N ASP D 106 -8.01 -13.24 25.40
CA ASP D 106 -9.01 -13.83 24.52
C ASP D 106 -8.86 -13.25 23.10
N TRP D 107 -7.85 -12.40 22.92
CA TRP D 107 -7.56 -11.73 21.66
C TRP D 107 -8.68 -10.77 21.21
N ARG D 108 -9.50 -10.33 22.17
CA ARG D 108 -10.52 -9.32 21.90
C ARG D 108 -10.01 -7.93 22.23
N PHE D 109 -10.52 -6.93 21.51
CA PHE D 109 -10.08 -5.54 21.63
C PHE D 109 -10.01 -5.07 23.09
N LEU D 110 -8.94 -4.36 23.43
CA LEU D 110 -8.80 -3.75 24.76
C LEU D 110 -8.72 -2.23 24.66
N ARG D 111 -7.87 -1.74 23.75
CA ARG D 111 -7.61 -0.32 23.63
C ARG D 111 -6.99 0.01 22.27
N GLY D 112 -7.18 1.25 21.83
CA GLY D 112 -6.58 1.74 20.59
C GLY D 112 -5.83 3.03 20.88
N TYR D 113 -4.88 3.35 19.98
CA TYR D 113 -4.05 4.55 20.13
C TYR D 113 -3.77 5.18 18.78
N HIS D 114 -3.72 6.50 18.78
CA HIS D 114 -3.18 7.19 17.62
C HIS D 114 -2.65 8.50 18.12
N GLN D 115 -1.32 8.67 18.10
CA GLN D 115 -0.77 9.92 18.60
C GLN D 115 0.30 10.49 17.73
N TYR D 116 0.51 11.79 17.85
CA TYR D 116 1.37 12.54 16.97
C TYR D 116 2.23 13.47 17.83
N ALA D 117 3.52 13.60 17.48
CA ALA D 117 4.46 14.52 18.15
C ALA D 117 5.15 15.36 17.10
N TYR D 118 5.46 16.60 17.46
CA TYR D 118 6.29 17.45 16.62
C TYR D 118 7.52 17.88 17.43
N ASP D 119 8.69 17.70 16.84
CA ASP D 119 9.98 18.01 17.51
C ASP D 119 10.05 17.44 18.94
N GLY D 120 9.57 16.20 19.08
CA GLY D 120 9.76 15.46 20.32
C GLY D 120 8.79 15.71 21.45
N LYS D 121 7.77 16.53 21.18
CA LYS D 121 6.72 16.90 22.15
C LYS D 121 5.33 16.54 21.61
N ASP D 122 4.41 16.16 22.50
CA ASP D 122 3.03 15.86 22.09
C ASP D 122 2.49 17.00 21.22
N TYR D 123 1.75 16.61 20.17
CA TYR D 123 1.04 17.56 19.34
C TYR D 123 -0.47 17.31 19.43
N ILE D 124 -0.89 16.13 18.99
CA ILE D 124 -2.30 15.77 19.17
C ILE D 124 -2.38 14.25 19.30
N ALA D 125 -3.40 13.78 20.02
CA ALA D 125 -3.56 12.36 20.26
C ALA D 125 -5.05 12.06 20.37
N LEU D 126 -5.43 10.92 19.85
CA LEU D 126 -6.77 10.40 20.04
C LEU D 126 -6.94 9.98 21.50
N LYS D 127 -8.01 10.45 22.15
CA LYS D 127 -8.35 10.05 23.52
C LYS D 127 -8.77 8.57 23.55
N GLU D 128 -8.79 8.00 24.76
CA GLU D 128 -9.06 6.57 24.92
C GLU D 128 -10.41 6.13 24.35
N ASP D 129 -11.41 7.03 24.35
CA ASP D 129 -12.74 6.70 23.80
C ASP D 129 -12.79 6.61 22.28
N LEU D 130 -11.69 7.00 21.62
CA LEU D 130 -11.56 6.94 20.16
C LEU D 130 -12.57 7.84 19.42
N ARG D 131 -12.99 8.92 20.07
CA ARG D 131 -14.04 9.80 19.53
C ARG D 131 -13.68 11.27 19.71
N SER D 132 -12.58 11.53 20.41
CA SER D 132 -12.19 12.88 20.80
C SER D 132 -10.67 13.00 20.76
N TRP D 133 -10.16 14.23 20.91
CA TRP D 133 -8.73 14.54 20.74
C TRP D 133 -8.17 15.36 21.90
N THR D 134 -6.91 15.08 22.22
CA THR D 134 -6.16 15.90 23.16
C THR D 134 -5.16 16.71 22.36
N ALA D 135 -5.34 18.02 22.39
CA ALA D 135 -4.46 18.94 21.72
C ALA D 135 -3.51 19.45 22.77
N ALA D 136 -2.21 19.32 22.50
CA ALA D 136 -1.19 19.64 23.48
C ALA D 136 -0.90 21.14 23.66
N ASP D 137 -1.25 21.94 22.66
CA ASP D 137 -0.98 23.38 22.69
C ASP D 137 -1.93 24.17 21.78
N MET D 138 -1.72 25.48 21.70
CA MET D 138 -2.57 26.38 20.90
C MET D 138 -2.69 25.93 19.44
N ALA D 139 -1.55 25.71 18.77
CA ALA D 139 -1.54 25.27 17.37
C ALA D 139 -2.39 24.02 17.15
N ALA D 140 -2.22 23.02 18.02
CA ALA D 140 -2.92 21.73 17.86
C ALA D 140 -4.43 21.81 18.07
N GLN D 141 -4.91 22.84 18.78
CA GLN D 141 -6.37 22.98 18.99
C GLN D 141 -7.06 23.20 17.63
N THR D 142 -6.31 23.77 16.68
CA THR D 142 -6.79 24.02 15.32
C THR D 142 -6.88 22.74 14.48
N THR D 143 -5.89 21.88 14.65
CA THR D 143 -5.96 20.56 14.06
C THR D 143 -7.13 19.81 14.67
N LYS D 144 -7.27 19.91 16.00
CA LYS D 144 -8.38 19.26 16.71
C LYS D 144 -9.71 19.65 16.10
N HIS D 145 -9.96 20.96 15.92
CA HIS D 145 -11.22 21.41 15.32
C HIS D 145 -11.47 20.87 13.91
N LYS D 146 -10.40 20.92 13.10
CA LYS D 146 -10.44 20.52 11.72
C LYS D 146 -10.79 19.03 11.59
N TRP D 147 -10.09 18.22 12.39
CA TRP D 147 -10.30 16.76 12.44
C TRP D 147 -11.63 16.37 13.07
N GLU D 148 -12.08 17.17 14.03
CA GLU D 148 -13.43 17.04 14.56
C GLU D 148 -14.47 17.23 13.45
N ALA D 149 -14.33 18.31 12.68
CA ALA D 149 -15.32 18.66 11.66
C ALA D 149 -15.30 17.69 10.48
N ALA D 150 -14.19 16.98 10.31
CA ALA D 150 -14.05 16.03 9.23
C ALA D 150 -14.24 14.60 9.70
N HIS D 151 -14.65 14.43 10.96
CA HIS D 151 -14.89 13.09 11.55
C HIS D 151 -13.73 12.10 11.36
N VAL D 152 -12.51 12.58 11.56
CA VAL D 152 -11.30 11.76 11.44
C VAL D 152 -11.31 10.62 12.48
N ALA D 153 -11.74 10.94 13.70
CA ALA D 153 -11.80 9.98 14.80
C ALA D 153 -12.58 8.71 14.43
N GLU D 154 -13.68 8.90 13.70
CA GLU D 154 -14.59 7.81 13.36
C GLU D 154 -13.93 6.79 12.42
N GLN D 155 -13.09 7.30 11.52
CA GLN D 155 -12.34 6.46 10.59
C GLN D 155 -11.26 5.69 11.33
N LEU D 156 -10.58 6.37 12.25
CA LEU D 156 -9.58 5.72 13.09
C LEU D 156 -10.21 4.68 14.01
N ARG D 157 -11.34 5.03 14.65
CA ARG D 157 -12.03 4.10 15.54
C ARG D 157 -12.36 2.77 14.83
N ALA D 158 -12.94 2.86 13.64
CA ALA D 158 -13.26 1.66 12.86
C ALA D 158 -12.05 0.77 12.61
N TYR D 159 -10.91 1.39 12.32
CA TYR D 159 -9.68 0.63 12.09
C TYR D 159 -9.20 0.02 13.40
N LEU D 160 -9.14 0.81 14.46
CA LEU D 160 -8.49 0.35 15.69
C LEU D 160 -9.28 -0.77 16.38
N GLU D 161 -10.60 -0.67 16.32
CA GLU D 161 -11.48 -1.68 16.91
C GLU D 161 -11.69 -2.89 16.01
N GLY D 162 -11.44 -2.71 14.72
CA GLY D 162 -11.80 -3.70 13.69
C GLY D 162 -10.57 -4.24 13.02
N THR D 163 -10.19 -3.63 11.89
CA THR D 163 -9.06 -4.18 11.11
C THR D 163 -7.79 -4.41 11.93
N CYS D 164 -7.43 -3.47 12.80
CA CYS D 164 -6.21 -3.60 13.61
C CYS D 164 -6.22 -4.90 14.42
N VAL D 165 -7.35 -5.20 15.07
CA VAL D 165 -7.40 -6.41 15.90
C VAL D 165 -7.42 -7.68 15.03
N GLU D 166 -8.08 -7.60 13.89
CA GLU D 166 -8.19 -8.72 12.96
C GLU D 166 -6.81 -9.11 12.45
N TRP D 167 -6.02 -8.10 12.06
CA TRP D 167 -4.67 -8.34 11.61
C TRP D 167 -3.77 -8.81 12.73
N LEU D 168 -3.87 -8.20 13.91
CA LEU D 168 -3.09 -8.69 15.06
C LEU D 168 -3.36 -10.19 15.29
N ARG D 169 -4.62 -10.61 15.26
CA ARG D 169 -4.93 -12.04 15.44
C ARG D 169 -4.29 -12.88 14.35
N ARG D 170 -4.32 -12.40 13.11
CA ARG D 170 -3.69 -13.13 12.01
C ARG D 170 -2.19 -13.31 12.20
N TYR D 171 -1.54 -12.24 12.61
CA TYR D 171 -0.10 -12.28 12.85
C TYR D 171 0.25 -13.24 13.98
N LEU D 172 -0.57 -13.22 15.04
CA LEU D 172 -0.31 -14.07 16.19
C LEU D 172 -0.43 -15.54 15.84
N GLU D 173 -1.37 -15.87 14.95
CA GLU D 173 -1.57 -17.24 14.50
C GLU D 173 -0.39 -17.68 13.63
N ASN D 174 -0.05 -16.86 12.65
CA ASN D 174 0.99 -17.22 11.68
C ASN D 174 2.41 -17.21 12.25
N GLY D 175 2.70 -16.27 13.15
CA GLY D 175 3.95 -16.29 13.90
C GLY D 175 3.86 -16.96 15.26
N LYS D 176 2.95 -17.94 15.38
CA LYS D 176 2.71 -18.69 16.60
C LYS D 176 3.96 -19.06 17.39
N GLU D 177 4.91 -19.71 16.71
CA GLU D 177 6.16 -20.19 17.32
C GLU D 177 7.06 -19.09 17.91
N THR D 178 6.99 -17.90 17.31
CA THR D 178 7.81 -16.73 17.67
C THR D 178 7.06 -15.90 18.70
N LEU D 179 5.82 -15.56 18.36
CA LEU D 179 5.07 -14.54 19.09
C LEU D 179 4.37 -15.02 20.35
N GLN D 180 3.88 -16.26 20.35
CA GLN D 180 3.11 -16.77 21.49
C GLN D 180 4.00 -17.50 22.47
N ARG D 181 5.31 -17.31 22.33
CA ARG D 181 6.29 -17.96 23.17
C ARG D 181 6.56 -17.05 24.37
N THR D 182 6.91 -17.66 25.48
CA THR D 182 7.63 -16.92 26.51
C THR D 182 8.96 -17.64 26.69
N ASP D 183 10.02 -16.83 26.77
CA ASP D 183 11.35 -17.31 27.08
C ASP D 183 11.62 -16.70 28.46
N ALA D 184 11.64 -17.57 29.48
CA ALA D 184 11.95 -17.12 30.82
C ALA D 184 13.42 -16.74 30.85
N PRO D 185 13.75 -15.77 31.71
CA PRO D 185 15.14 -15.31 31.83
C PRO D 185 16.07 -16.39 32.35
N LYS D 186 17.24 -16.48 31.73
CA LYS D 186 18.34 -17.26 32.32
C LYS D 186 19.06 -16.29 33.27
N THR D 187 19.27 -16.70 34.51
CA THR D 187 19.79 -15.77 35.51
C THR D 187 21.14 -16.24 36.05
N HIS D 188 21.93 -15.27 36.52
CA HIS D 188 23.15 -15.54 37.27
C HIS D 188 23.58 -14.27 37.99
N MET D 189 24.57 -14.39 38.87
CA MET D 189 25.10 -13.27 39.61
C MET D 189 26.60 -13.13 39.35
N THR D 190 27.09 -11.91 39.33
CA THR D 190 28.53 -11.69 39.34
C THR D 190 28.92 -10.99 40.63
N HIS D 191 30.14 -11.27 41.07
CA HIS D 191 30.66 -10.71 42.29
C HIS D 191 32.00 -10.10 41.92
N HIS D 192 32.15 -8.81 42.10
CA HIS D 192 33.46 -8.21 41.89
C HIS D 192 33.84 -7.40 43.10
N ALA D 193 34.99 -7.76 43.69
CA ALA D 193 35.53 -7.02 44.79
C ALA D 193 36.07 -5.72 44.22
N VAL D 194 35.25 -4.63 44.35
CA VAL D 194 35.70 -3.34 43.83
C VAL D 194 36.76 -2.75 44.76
N SER D 195 36.79 -3.24 46.00
CA SER D 195 37.88 -2.97 46.94
C SER D 195 37.92 -4.02 48.05
N ASP D 196 38.87 -3.89 48.96
CA ASP D 196 39.05 -4.81 50.08
C ASP D 196 37.80 -5.03 50.93
N HIS D 197 36.93 -3.97 51.04
CA HIS D 197 35.79 -4.07 51.98
C HIS D 197 34.41 -3.97 51.32
N GLU D 198 34.38 -3.91 49.99
CA GLU D 198 33.10 -3.95 49.27
C GLU D 198 33.19 -4.80 48.05
N ALA D 199 32.02 -5.32 47.67
CA ALA D 199 31.90 -6.06 46.45
C ALA D 199 30.63 -5.62 45.75
N THR D 200 30.70 -5.59 44.43
CA THR D 200 29.48 -5.40 43.63
C THR D 200 28.86 -6.75 43.42
N LEU D 201 27.57 -6.87 43.74
CA LEU D 201 26.79 -8.01 43.33
C LEU D 201 25.89 -7.55 42.20
N ARG D 202 25.96 -8.25 41.08
CA ARG D 202 25.19 -7.90 39.89
C ARG D 202 24.33 -9.08 39.54
N CYS D 203 23.03 -8.84 39.42
CA CYS D 203 22.04 -9.87 39.12
C CYS D 203 21.66 -9.72 37.64
N TRP D 204 21.86 -10.78 36.88
CA TRP D 204 21.63 -10.79 35.44
C TRP D 204 20.40 -11.56 35.07
N ALA D 205 19.66 -11.02 34.10
CA ALA D 205 18.60 -11.77 33.40
C ALA D 205 18.88 -11.70 31.90
N LEU D 206 18.99 -12.87 31.28
CA LEU D 206 19.35 -12.95 29.86
C LEU D 206 18.37 -13.79 29.08
N SER D 207 18.28 -13.50 27.77
CA SER D 207 17.60 -14.36 26.80
C SER D 207 16.10 -14.55 27.11
N PHE D 208 15.47 -13.47 27.59
CA PHE D 208 14.04 -13.52 27.87
C PHE D 208 13.17 -12.80 26.84
N TYR D 209 11.91 -13.20 26.81
CA TYR D 209 10.92 -12.61 25.93
C TYR D 209 9.58 -12.90 26.57
N PRO D 210 8.68 -11.89 26.66
CA PRO D 210 8.80 -10.52 26.12
C PRO D 210 9.70 -9.66 27.00
N ALA D 211 9.79 -8.37 26.70
CA ALA D 211 10.78 -7.50 27.33
C ALA D 211 10.45 -7.13 28.75
N GLU D 212 9.16 -7.12 29.09
CA GLU D 212 8.73 -6.73 30.44
C GLU D 212 9.35 -7.63 31.51
N ILE D 213 10.01 -7.03 32.49
CA ILE D 213 10.67 -7.79 33.55
C ILE D 213 10.83 -6.86 34.75
N THR D 214 10.83 -7.45 35.93
CA THR D 214 11.23 -6.72 37.12
C THR D 214 12.39 -7.41 37.84
N LEU D 215 13.43 -6.63 38.15
CA LEU D 215 14.59 -7.11 38.92
C LEU D 215 14.74 -6.19 40.11
N THR D 216 14.77 -6.77 41.28
CA THR D 216 14.97 -5.94 42.47
C THR D 216 15.92 -6.63 43.42
N TRP D 217 16.57 -5.83 44.24
CA TRP D 217 17.38 -6.35 45.34
C TRP D 217 16.71 -6.05 46.67
N GLN D 218 16.92 -6.95 47.62
CA GLN D 218 16.47 -6.74 48.99
C GLN D 218 17.63 -7.02 49.91
N ARG D 219 17.64 -6.33 51.05
CA ARG D 219 18.55 -6.67 52.14
C ARG D 219 17.68 -7.06 53.34
N ASP D 220 17.84 -8.30 53.80
CA ASP D 220 16.98 -8.84 54.88
C ASP D 220 15.48 -8.64 54.56
N GLY D 221 15.14 -8.73 53.27
CA GLY D 221 13.76 -8.60 52.81
C GLY D 221 13.22 -7.18 52.67
N GLU D 222 14.07 -6.19 52.94
CA GLU D 222 13.69 -4.78 52.70
C GLU D 222 14.21 -4.33 51.33
N ASP D 223 13.36 -3.69 50.52
CA ASP D 223 13.79 -3.31 49.18
C ASP D 223 14.90 -2.27 49.22
N GLN D 224 15.88 -2.42 48.32
CA GLN D 224 17.03 -1.54 48.26
C GLN D 224 16.97 -0.60 47.06
N THR D 225 15.78 -0.04 46.80
CA THR D 225 15.53 0.67 45.54
C THR D 225 16.55 1.79 45.29
N GLN D 226 16.80 2.58 46.34
CA GLN D 226 17.69 3.73 46.23
C GLN D 226 19.15 3.35 46.09
N ASP D 227 19.49 2.12 46.48
CA ASP D 227 20.85 1.65 46.43
C ASP D 227 21.11 0.65 45.30
N THR D 228 20.11 0.49 44.42
CA THR D 228 20.20 -0.45 43.30
C THR D 228 20.52 0.32 42.02
N GLU D 229 21.55 -0.14 41.29
CA GLU D 229 21.82 0.37 39.98
C GLU D 229 21.13 -0.56 39.01
N LEU D 230 20.24 0.03 38.22
CA LEU D 230 19.44 -0.75 37.27
C LEU D 230 19.74 -0.20 35.88
N VAL D 231 19.87 -1.06 34.87
CA VAL D 231 20.03 -0.57 33.52
C VAL D 231 18.74 -0.80 32.75
N GLU D 232 18.53 0.00 31.71
CA GLU D 232 17.40 -0.18 30.84
C GLU D 232 17.44 -1.57 30.20
N THR D 233 16.28 -2.23 30.12
CA THR D 233 16.19 -3.47 29.37
C THR D 233 16.65 -3.23 27.93
N ARG D 234 17.45 -4.17 27.43
CA ARG D 234 18.16 -3.96 26.17
C ARG D 234 18.01 -5.19 25.25
N PRO D 235 17.92 -4.96 23.95
CA PRO D 235 17.75 -6.09 23.01
C PRO D 235 19.06 -6.86 22.85
N ALA D 236 18.98 -8.19 22.85
CA ALA D 236 20.17 -9.00 22.52
C ALA D 236 20.55 -9.02 21.03
N GLY D 237 19.58 -8.74 20.14
CA GLY D 237 19.75 -8.81 18.69
C GLY D 237 19.13 -10.04 18.03
N ASP D 238 18.78 -11.02 18.88
CA ASP D 238 18.22 -12.30 18.41
C ASP D 238 16.74 -12.46 18.79
N GLY D 239 16.11 -11.34 19.14
CA GLY D 239 14.69 -11.33 19.50
C GLY D 239 14.43 -11.48 20.99
N THR D 240 15.50 -11.62 21.76
CA THR D 240 15.38 -11.67 23.21
C THR D 240 15.99 -10.40 23.84
N PHE D 241 15.78 -10.30 25.13
CA PHE D 241 16.20 -9.11 25.91
C PHE D 241 17.14 -9.46 27.06
N GLN D 242 17.75 -8.42 27.65
CA GLN D 242 18.68 -8.63 28.76
C GLN D 242 18.43 -7.49 29.72
N LYS D 243 18.80 -7.71 30.98
CA LYS D 243 18.75 -6.61 31.96
C LYS D 243 19.60 -7.05 33.13
N TRP D 244 20.13 -6.08 33.87
CA TRP D 244 20.82 -6.40 35.13
C TRP D 244 20.53 -5.35 36.18
N ALA D 245 20.75 -5.75 37.44
CA ALA D 245 20.58 -4.88 38.60
C ALA D 245 21.75 -5.16 39.51
N ALA D 246 22.35 -4.10 40.05
CA ALA D 246 23.51 -4.29 40.96
C ALA D 246 23.37 -3.53 42.27
N VAL D 247 24.01 -4.08 43.29
CA VAL D 247 24.18 -3.42 44.55
C VAL D 247 25.64 -3.58 44.99
N VAL D 248 26.13 -2.59 45.68
CA VAL D 248 27.45 -2.68 46.29
C VAL D 248 27.23 -3.04 47.76
N VAL D 249 27.78 -4.19 48.18
CA VAL D 249 27.56 -4.77 49.51
C VAL D 249 28.83 -4.75 50.36
N PRO D 250 28.68 -4.41 51.65
CA PRO D 250 29.85 -4.41 52.57
C PRO D 250 30.38 -5.80 52.86
N SER D 251 31.29 -5.83 53.83
CA SER D 251 32.20 -6.96 54.13
C SER D 251 31.49 -8.17 54.68
N GLY D 252 31.41 -9.23 53.87
CA GLY D 252 30.80 -10.50 54.28
C GLY D 252 29.31 -10.40 54.59
N GLN D 253 28.64 -9.42 53.99
CA GLN D 253 27.20 -9.27 54.16
C GLN D 253 26.46 -9.82 52.94
N GLU D 254 27.17 -10.56 52.10
CA GLU D 254 26.60 -11.07 50.84
C GLU D 254 25.31 -11.86 51.06
N GLN D 255 25.26 -12.61 52.15
CA GLN D 255 24.09 -13.44 52.45
C GLN D 255 22.84 -12.67 52.86
N ARG D 256 22.98 -11.37 53.18
CA ARG D 256 21.81 -10.58 53.56
C ARG D 256 21.00 -10.20 52.34
N TYR D 257 21.60 -10.28 51.16
CA TYR D 257 21.04 -9.71 49.97
C TYR D 257 20.42 -10.76 49.06
N THR D 258 19.26 -10.42 48.52
CA THR D 258 18.57 -11.31 47.58
C THR D 258 18.13 -10.51 46.36
N CYS D 259 18.24 -11.14 45.20
CA CYS D 259 17.75 -10.58 43.95
C CYS D 259 16.43 -11.26 43.56
N HIS D 260 15.43 -10.45 43.21
CA HIS D 260 14.11 -11.03 42.89
C HIS D 260 13.83 -10.77 41.45
N VAL D 261 13.40 -11.81 40.74
CA VAL D 261 13.18 -11.72 39.31
C VAL D 261 11.75 -12.12 38.99
N GLN D 262 11.04 -11.22 38.33
CA GLN D 262 9.64 -11.42 37.98
C GLN D 262 9.52 -11.32 36.48
N HIS D 263 8.94 -12.35 35.88
CA HIS D 263 8.80 -12.38 34.42
C HIS D 263 7.63 -13.30 34.04
N GLU D 264 6.90 -12.93 32.99
CA GLU D 264 5.76 -13.70 32.47
C GLU D 264 6.09 -15.19 32.28
N GLY D 265 7.34 -15.49 31.98
CA GLY D 265 7.76 -16.84 31.58
C GLY D 265 8.15 -17.70 32.77
N LEU D 266 8.26 -17.09 33.94
CA LEU D 266 8.63 -17.82 35.14
C LEU D 266 7.39 -18.40 35.76
N PRO D 267 7.42 -19.70 36.15
CA PRO D 267 6.26 -20.25 36.86
C PRO D 267 6.08 -19.54 38.21
N LYS D 268 7.18 -19.20 38.89
CA LYS D 268 7.14 -18.48 40.14
C LYS D 268 8.26 -17.46 40.12
N PRO D 269 8.07 -16.29 40.78
CA PRO D 269 9.18 -15.34 40.82
C PRO D 269 10.40 -15.98 41.46
N LEU D 270 11.58 -15.61 40.97
CA LEU D 270 12.81 -16.18 41.50
C LEU D 270 13.38 -15.32 42.61
N THR D 271 13.97 -15.98 43.58
CA THR D 271 14.70 -15.32 44.67
C THR D 271 16.11 -15.90 44.63
N LEU D 272 17.10 -15.04 44.36
CA LEU D 272 18.47 -15.47 44.14
C LEU D 272 19.39 -14.87 45.22
N ARG D 273 20.36 -15.66 45.68
CA ARG D 273 21.25 -15.24 46.76
C ARG D 273 22.66 -15.74 46.46
N TRP D 274 23.67 -14.88 46.66
CA TRP D 274 25.05 -15.31 46.65
C TRP D 274 25.29 -16.16 47.90
N GLU D 275 25.14 -17.50 47.75
CA GLU D 275 25.26 -18.48 48.85
C GLU D 275 24.11 -18.51 49.89
N MET E 1 14.70 24.06 20.78
CA MET E 1 13.86 22.82 20.81
C MET E 1 14.46 21.66 21.62
N ILE E 2 13.63 20.64 21.83
CA ILE E 2 13.98 19.46 22.62
C ILE E 2 15.28 18.80 22.14
N GLN E 3 16.16 18.55 23.10
CA GLN E 3 17.37 17.73 22.86
C GLN E 3 17.59 16.82 24.06
N ARG E 4 17.63 15.52 23.80
CA ARG E 4 17.86 14.54 24.83
C ARG E 4 19.07 13.69 24.49
N THR E 5 19.89 13.46 25.51
CA THR E 5 21.18 12.84 25.33
C THR E 5 21.02 11.35 25.25
N PRO E 6 21.76 10.69 24.32
CA PRO E 6 21.60 9.23 24.31
C PRO E 6 22.17 8.51 25.56
N LYS E 7 21.44 7.51 26.01
CA LYS E 7 22.00 6.53 26.93
C LYS E 7 22.72 5.50 26.07
N ILE E 8 23.77 4.91 26.60
CA ILE E 8 24.62 4.03 25.77
C ILE E 8 24.95 2.78 26.55
N GLN E 9 24.71 1.62 25.94
CA GLN E 9 25.19 0.36 26.55
C GLN E 9 25.92 -0.44 25.52
N VAL E 10 27.09 -0.96 25.87
CA VAL E 10 27.88 -1.75 24.94
C VAL E 10 28.04 -3.13 25.55
N TYR E 11 27.78 -4.18 24.79
CA TYR E 11 27.62 -5.53 25.34
C TYR E 11 27.55 -6.56 24.24
N SER E 12 27.77 -7.81 24.62
CA SER E 12 27.68 -8.91 23.68
C SER E 12 26.31 -9.56 23.72
N ARG E 13 25.93 -10.17 22.58
CA ARG E 13 24.66 -10.87 22.55
C ARG E 13 24.65 -12.06 23.51
N HIS E 14 25.72 -12.85 23.47
CA HIS E 14 25.86 -14.03 24.35
C HIS E 14 26.96 -13.75 25.35
N PRO E 15 26.94 -14.44 26.50
CA PRO E 15 28.12 -14.23 27.38
C PRO E 15 29.43 -14.52 26.61
N ALA E 16 30.41 -13.62 26.72
CA ALA E 16 31.64 -13.71 25.91
C ALA E 16 32.52 -14.88 26.29
N GLU E 17 32.84 -15.67 25.28
CA GLU E 17 33.76 -16.78 25.51
C GLU E 17 34.83 -16.66 24.47
N ASN E 18 36.08 -16.53 24.91
CA ASN E 18 37.18 -16.38 23.95
C ASN E 18 37.20 -17.43 22.86
N GLY E 19 37.28 -16.95 21.62
CA GLY E 19 37.34 -17.86 20.47
C GLY E 19 35.98 -18.30 19.98
N LYS E 20 34.89 -17.86 20.62
CA LYS E 20 33.55 -18.30 20.20
C LYS E 20 32.76 -17.15 19.59
N SER E 21 32.18 -17.38 18.42
CA SER E 21 31.48 -16.32 17.67
C SER E 21 30.34 -15.67 18.46
N ASN E 22 30.11 -14.40 18.20
CA ASN E 22 29.17 -13.63 19.02
C ASN E 22 28.77 -12.40 18.22
N PHE E 23 28.00 -11.51 18.87
CA PHE E 23 27.71 -10.20 18.30
C PHE E 23 28.04 -9.17 19.33
N LEU E 24 28.73 -8.13 18.91
CA LEU E 24 28.99 -6.95 19.74
C LEU E 24 27.89 -5.94 19.43
N ASN E 25 27.23 -5.48 20.48
CA ASN E 25 26.09 -4.53 20.43
C ASN E 25 26.41 -3.20 21.08
N CYS E 26 25.88 -2.13 20.50
CA CYS E 26 25.83 -0.83 21.16
C CYS E 26 24.42 -0.33 21.04
N TYR E 27 23.74 -0.29 22.19
CA TYR E 27 22.36 0.14 22.20
C TYR E 27 22.32 1.59 22.63
N VAL E 28 21.75 2.44 21.82
CA VAL E 28 21.64 3.86 22.15
C VAL E 28 20.18 4.18 22.23
N SER E 29 19.80 4.91 23.27
CA SER E 29 18.40 5.12 23.51
C SER E 29 18.13 6.43 24.22
N GLY E 30 16.87 6.84 24.23
CA GLY E 30 16.48 8.03 24.94
C GLY E 30 16.90 9.37 24.36
N PHE E 31 17.26 9.34 23.08
CA PHE E 31 17.82 10.56 22.45
C PHE E 31 16.84 11.28 21.51
N HIS E 32 17.09 12.56 21.31
CA HIS E 32 16.30 13.39 20.40
C HIS E 32 17.17 14.59 20.13
N PRO E 33 17.26 15.04 18.87
CA PRO E 33 16.67 14.51 17.62
C PRO E 33 17.33 13.21 17.16
N SER E 34 16.87 12.65 16.03
CA SER E 34 17.28 11.29 15.68
C SER E 34 18.67 11.17 15.05
N ASP E 35 19.25 12.30 14.63
CA ASP E 35 20.58 12.27 13.99
C ASP E 35 21.63 11.86 15.02
N ILE E 36 22.36 10.79 14.71
CA ILE E 36 23.33 10.26 15.65
C ILE E 36 24.35 9.45 14.87
N GLU E 37 25.58 9.48 15.35
CA GLU E 37 26.67 8.75 14.71
C GLU E 37 27.15 7.75 15.76
N VAL E 38 27.13 6.46 15.41
CA VAL E 38 27.58 5.44 16.35
C VAL E 38 28.59 4.51 15.66
N ASP E 39 29.76 4.40 16.23
CA ASP E 39 30.75 3.47 15.72
C ASP E 39 31.10 2.43 16.75
N LEU E 40 31.43 1.23 16.29
CA LEU E 40 32.02 0.21 17.16
C LEU E 40 33.52 0.22 16.86
N LEU E 41 34.32 0.16 17.92
CA LEU E 41 35.79 0.22 17.80
C LEU E 41 36.41 -1.09 18.26
N LYS E 42 37.42 -1.54 17.52
CA LYS E 42 38.22 -2.72 17.90
C LYS E 42 39.62 -2.17 18.11
N ASN E 43 40.15 -2.27 19.34
CA ASN E 43 41.48 -1.71 19.61
C ASN E 43 41.62 -0.29 19.08
N GLY E 44 40.58 0.49 19.31
CA GLY E 44 40.59 1.91 19.02
C GLY E 44 40.30 2.30 17.58
N GLU E 45 40.13 1.30 16.71
CA GLU E 45 39.88 1.54 15.28
C GLU E 45 38.46 1.23 14.87
N ARG E 46 37.90 2.06 14.00
CA ARG E 46 36.50 1.90 13.61
C ARG E 46 36.28 0.62 12.83
N ILE E 47 35.32 -0.17 13.29
CA ILE E 47 34.97 -1.43 12.61
C ILE E 47 34.12 -1.12 11.38
N GLU E 48 34.47 -1.73 10.24
CA GLU E 48 33.82 -1.38 8.97
C GLU E 48 32.45 -1.96 8.77
N LYS E 49 32.24 -3.20 9.16
CA LYS E 49 30.97 -3.80 8.87
C LYS E 49 30.13 -3.65 10.12
N VAL E 50 29.38 -2.55 10.21
CA VAL E 50 28.46 -2.39 11.34
C VAL E 50 27.05 -2.09 10.84
N GLU E 51 26.08 -2.86 11.33
CA GLU E 51 24.69 -2.67 10.91
C GLU E 51 23.90 -2.06 12.03
N HIS E 52 22.69 -1.61 11.73
CA HIS E 52 21.85 -1.12 12.82
C HIS E 52 20.38 -1.41 12.56
N SER E 53 19.63 -1.47 13.66
CA SER E 53 18.18 -1.64 13.64
C SER E 53 17.48 -0.46 12.98
N ASP E 54 16.23 -0.69 12.55
CA ASP E 54 15.43 0.38 12.02
C ASP E 54 14.98 1.37 13.10
N LEU E 55 15.10 2.66 12.80
CA LEU E 55 14.82 3.71 13.79
C LEU E 55 13.39 3.54 14.33
N SER E 56 13.30 3.50 15.66
CA SER E 56 12.04 3.45 16.34
C SER E 56 12.12 4.34 17.59
N PHE E 57 11.02 4.39 18.36
CA PHE E 57 10.99 5.31 19.51
C PHE E 57 10.11 4.78 20.63
N SER E 58 10.34 5.31 21.83
CA SER E 58 9.66 4.88 23.02
C SER E 58 8.39 5.71 23.22
N LYS E 59 7.63 5.36 24.26
CA LYS E 59 6.41 6.05 24.62
C LYS E 59 6.62 7.55 24.77
N ASP E 60 7.79 7.96 25.27
CA ASP E 60 8.07 9.38 25.52
C ASP E 60 8.65 10.09 24.30
N TRP E 61 8.61 9.40 23.16
CA TRP E 61 9.05 9.93 21.86
C TRP E 61 10.55 9.87 21.66
N SER E 62 11.32 9.51 22.69
CA SER E 62 12.76 9.41 22.43
C SER E 62 13.13 8.19 21.55
N PHE E 63 14.17 8.35 20.76
CA PHE E 63 14.55 7.29 19.82
C PHE E 63 15.44 6.24 20.43
N TYR E 64 15.47 5.06 19.79
CA TYR E 64 16.45 4.05 20.16
C TYR E 64 16.89 3.30 18.92
N LEU E 65 18.15 2.88 18.97
CA LEU E 65 18.81 2.11 17.90
C LEU E 65 19.74 1.08 18.48
N LEU E 66 19.79 -0.08 17.81
CA LEU E 66 20.81 -1.10 18.12
C LEU E 66 21.84 -1.15 16.99
N TYR E 67 23.10 -0.89 17.30
CA TYR E 67 24.18 -1.08 16.32
C TYR E 67 24.90 -2.36 16.65
N TYR E 68 25.27 -3.17 15.65
CA TYR E 68 25.80 -4.46 15.98
C TYR E 68 26.72 -5.00 14.91
N THR E 69 27.63 -5.86 15.34
CA THR E 69 28.53 -6.52 14.38
C THR E 69 28.93 -7.89 14.90
N GLU E 70 29.20 -8.83 13.99
CA GLU E 70 29.70 -10.13 14.43
C GLU E 70 31.12 -9.95 14.95
N PHE E 71 31.48 -10.66 16.01
CA PHE E 71 32.87 -10.67 16.47
C PHE E 71 33.13 -11.96 17.22
N THR E 72 34.40 -12.32 17.29
CA THR E 72 34.84 -13.43 18.11
C THR E 72 35.77 -12.82 19.16
N PRO E 73 35.29 -12.71 20.40
CA PRO E 73 36.14 -12.09 21.41
C PRO E 73 37.40 -12.90 21.71
N THR E 74 38.45 -12.19 22.10
CA THR E 74 39.69 -12.82 22.56
C THR E 74 40.07 -12.23 23.92
N GLU E 75 41.10 -12.82 24.55
CA GLU E 75 41.56 -12.30 25.83
C GLU E 75 41.95 -10.82 25.76
N LYS E 76 42.71 -10.45 24.73
CA LYS E 76 43.36 -9.14 24.73
C LYS E 76 42.72 -8.09 23.82
N ASP E 77 41.85 -8.48 22.89
CA ASP E 77 41.18 -7.46 22.05
C ASP E 77 40.25 -6.57 22.88
N GLU E 78 40.37 -5.26 22.66
CA GLU E 78 39.51 -4.31 23.36
C GLU E 78 38.45 -3.75 22.43
N TYR E 79 37.24 -3.63 22.93
CA TYR E 79 36.17 -3.05 22.09
C TYR E 79 35.50 -1.91 22.82
N ALA E 80 34.87 -1.03 22.03
CA ALA E 80 34.21 0.16 22.59
C ALA E 80 33.15 0.62 21.61
N CYS E 81 32.27 1.51 22.06
CA CYS E 81 31.27 2.12 21.17
C CYS E 81 31.53 3.64 21.29
N ARG E 82 31.48 4.37 20.17
CA ARG E 82 31.76 5.81 20.17
C ARG E 82 30.52 6.46 19.58
N VAL E 83 29.98 7.43 20.31
CA VAL E 83 28.69 7.98 19.92
C VAL E 83 28.82 9.50 19.84
N ASN E 84 28.30 10.09 18.77
CA ASN E 84 28.15 11.56 18.77
C ASN E 84 26.72 11.97 18.44
N HIS E 85 26.34 13.11 18.99
CA HIS E 85 24.97 13.57 18.99
C HIS E 85 25.07 15.04 19.35
N VAL E 86 24.04 15.79 18.98
CA VAL E 86 24.06 17.25 19.20
C VAL E 86 24.25 17.65 20.67
N THR E 87 23.82 16.75 21.56
CA THR E 87 23.87 16.97 23.00
C THR E 87 25.26 16.76 23.59
N LEU E 88 26.16 16.20 22.80
CA LEU E 88 27.54 15.91 23.22
C LEU E 88 28.56 16.87 22.58
N SER E 89 29.29 17.55 23.45
CA SER E 89 30.38 18.49 23.06
C SER E 89 31.54 17.74 22.44
N GLN E 90 31.73 16.50 22.89
CA GLN E 90 32.69 15.63 22.29
C GLN E 90 32.06 14.25 22.32
N PRO E 91 32.47 13.40 21.37
CA PRO E 91 31.96 12.04 21.25
C PRO E 91 32.28 11.30 22.53
N LYS E 92 31.34 10.47 22.92
CA LYS E 92 31.39 9.71 24.14
C LYS E 92 31.85 8.31 23.76
N ILE E 93 32.87 7.82 24.45
CA ILE E 93 33.35 6.47 24.21
C ILE E 93 33.05 5.63 25.43
N VAL E 94 32.39 4.51 25.20
CA VAL E 94 32.08 3.58 26.29
C VAL E 94 32.78 2.26 25.97
N LYS E 95 33.65 1.82 26.88
CA LYS E 95 34.39 0.56 26.69
C LYS E 95 33.54 -0.66 27.03
N TRP E 96 33.71 -1.71 26.24
CA TRP E 96 33.06 -2.97 26.53
C TRP E 96 33.70 -3.64 27.73
N ASP E 97 32.89 -4.03 28.71
CA ASP E 97 33.40 -4.77 29.90
C ASP E 97 32.64 -6.08 29.87
N ARG E 98 33.33 -7.17 29.59
CA ARG E 98 32.60 -8.41 29.34
C ARG E 98 31.81 -8.92 30.55
N ASP E 99 31.06 -7.96 31.15
CA ASP E 99 30.45 -8.10 32.48
C ASP E 99 29.30 -7.12 32.84
N MET E 100 28.94 -6.23 31.91
CA MET E 100 27.78 -5.31 32.06
C MET E 100 27.04 -5.16 30.73
N SER F 1 -1.38 -4.78 9.48
CA SER F 1 -1.70 -4.02 8.23
C SER F 1 -2.01 -2.54 8.49
N LEU F 2 -1.43 -1.67 7.68
CA LEU F 2 -1.55 -0.24 7.90
C LEU F 2 -2.98 0.28 7.67
N LEU F 3 -3.27 1.43 8.30
CA LEU F 3 -4.45 2.23 7.96
C LEU F 3 -4.46 2.49 6.45
N MET F 4 -5.64 2.53 5.87
CA MET F 4 -5.78 2.67 4.42
C MET F 4 -5.25 4.02 3.96
N TRP F 5 -5.45 5.02 4.80
CA TRP F 5 -4.92 6.34 4.58
C TRP F 5 -4.88 7.07 5.88
N ILE F 6 -4.04 8.10 5.90
CA ILE F 6 -3.84 8.93 7.06
C ILE F 6 -4.11 10.40 6.66
N THR F 7 -5.01 11.05 7.39
CA THR F 7 -5.44 12.42 7.07
C THR F 7 -4.38 13.49 7.43
N GLN F 8 -4.17 14.46 6.55
CA GLN F 8 -3.26 15.58 6.78
C GLN F 8 -3.70 16.53 7.89
N LEU F 9 -2.72 17.15 8.53
CA LEU F 9 -2.96 18.28 9.40
C LEU F 9 -3.63 19.40 8.61
#